data_6US5
#
_entry.id   6US5
#
_cell.length_a   93.761
_cell.length_b   108.805
_cell.length_c   149.969
_cell.angle_alpha   90.000
_cell.angle_beta   90.000
_cell.angle_gamma   90.000
#
_symmetry.space_group_name_H-M   'P 21 21 21'
#
loop_
_entity.id
_entity.type
_entity.pdbx_description
1 polymer 'DNA polymerase I'
2 polymer "DNA (5'-D(*GP*CP*GP*AP*TP*CP*AP*GP*(C42))-3')"
3 polymer "DNA (5'-D(*CP*AP*CP*GP*CP*TP*GP*AP*TP*CP*GP*CP*A)-3')"
4 non-polymer "2'-deoxy-5'-O-[(R)-hydroxy{[(R)-hydroxy(phosphonooxy)phosphoryl]amino}phosphoryl]guanosine"
5 non-polymer 'MANGANESE (II) ION'
6 non-polymer 'SULFATE ION'
7 water water
#
loop_
_entity_poly.entity_id
_entity_poly.type
_entity_poly.pdbx_seq_one_letter_code
_entity_poly.pdbx_strand_id
1 'polypeptide(L)'
;KMAFTLADRVTEEMLADKAALVVEVVEENYHDAPIVGIAVVNEHGRFFLRPETALADPQFVAWLGDETKKKSMFDSKRAA
VALKWKGIELCGVSFDLLLAAYLLDPAQGVDDVAAAAKMKQYEAVRPDEAVYGKGAKRAVPDEPVLAEHLVRKAAAIWEL
ERPFLDELRRNEQDRLLVELEQPLSSILAEMEFAGVKVDTKRLEQMGKELAEQLGTVEQRIYELAGQEFNINSPKQLGVI
LFEKLQLPVLKKTKTGYSTSADVLEKLAPYHEIVENILHYRQLGKLQSTYIEGLLKVVRPATKKVHTIFNQALTQTGRLS
STEPNLQNIPIRLEEGRKIRQAFVPSESDWLIFAADYSQIELRVLAHIAEDDNLMEAFRRDLDIHTKTAMDIFQVSEDEV
TPNMRRQAKAVNYGIVYGISDYGLAQNLNISRKEAAEFIERYFESFPGVKRYMENIVQEAKQKGYVTTLLHRRRYLPDIT
SRNFNVRSFAERMAMNTPIQGSAADIIKKAMIDLNARLKEERLQAHLLLQVHDELILEAPKEEMERLCRLVPEVMEQAVT
LRVPLKVDYHYGSTWYDAK
;
A,D
2 'polydeoxyribonucleotide' (DG)(DC)(DG)(DA)(DT)(DC)(DA)(DG)(C42) B,E
3 'polydeoxyribonucleotide' (DC)(DA)(DC)(DG)(DC)(DT)(DG)(DA)(DT)(DC)(DG)(DC)(DA) C,F
#
# COMPACT_ATOMS: atom_id res chain seq x y z
N LYS A 1 12.55 -29.66 -14.71
CA LYS A 1 11.73 -29.29 -15.86
C LYS A 1 12.58 -28.56 -16.90
N MET A 2 13.76 -28.13 -16.48
CA MET A 2 14.80 -27.64 -17.39
C MET A 2 16.07 -28.41 -17.10
N ALA A 3 16.67 -28.99 -18.14
CA ALA A 3 17.84 -29.82 -17.96
C ALA A 3 19.07 -28.97 -17.63
N PHE A 4 19.86 -29.45 -16.67
CA PHE A 4 21.12 -28.80 -16.33
C PHE A 4 21.99 -29.80 -15.58
N THR A 5 23.30 -29.58 -15.64
CA THR A 5 24.28 -30.45 -15.00
C THR A 5 24.60 -29.90 -13.62
N LEU A 6 24.24 -30.66 -12.58
CA LEU A 6 24.65 -30.35 -11.21
C LEU A 6 26.10 -30.82 -11.07
N ALA A 7 27.02 -29.93 -11.42
CA ALA A 7 28.41 -30.31 -11.57
C ALA A 7 29.11 -30.46 -10.22
N ASP A 8 30.05 -31.38 -10.17
CA ASP A 8 30.92 -31.54 -9.01
C ASP A 8 32.23 -30.79 -9.18
N ARG A 9 32.70 -30.64 -10.41
CA ARG A 9 33.94 -29.93 -10.71
C ARG A 9 33.73 -29.09 -11.97
N VAL A 10 34.78 -28.38 -12.38
CA VAL A 10 34.73 -27.51 -13.54
C VAL A 10 35.33 -28.24 -14.74
N THR A 11 34.60 -28.24 -15.85
CA THR A 11 35.06 -28.83 -17.10
C THR A 11 35.36 -27.75 -18.12
N GLU A 12 36.01 -28.16 -19.21
CA GLU A 12 36.42 -27.20 -20.23
C GLU A 12 35.23 -26.58 -20.94
N GLU A 13 34.18 -27.36 -21.19
CA GLU A 13 33.03 -26.83 -21.91
C GLU A 13 32.26 -25.79 -21.11
N MET A 14 32.47 -25.72 -19.79
CA MET A 14 31.93 -24.62 -19.01
C MET A 14 32.69 -23.32 -19.24
N LEU A 15 33.82 -23.36 -19.95
CA LEU A 15 34.68 -22.20 -20.14
C LEU A 15 34.67 -21.73 -21.59
N ALA A 16 33.50 -21.75 -22.23
CA ALA A 16 33.38 -21.22 -23.58
C ALA A 16 33.59 -19.72 -23.58
N ASP A 17 33.92 -19.17 -24.76
CA ASP A 17 34.20 -17.75 -24.88
C ASP A 17 32.94 -16.89 -24.88
N LYS A 18 31.76 -17.49 -24.76
CA LYS A 18 30.54 -16.73 -24.56
C LYS A 18 29.59 -17.57 -23.72
N ALA A 19 28.99 -16.94 -22.70
CA ALA A 19 28.08 -17.67 -21.82
C ALA A 19 27.25 -16.66 -21.04
N ALA A 20 26.09 -17.13 -20.58
CA ALA A 20 25.29 -16.41 -19.61
C ALA A 20 25.72 -16.87 -18.22
N LEU A 21 25.99 -15.92 -17.33
CA LEU A 21 26.56 -16.20 -16.03
C LEU A 21 25.69 -15.62 -14.93
N VAL A 22 25.48 -16.40 -13.87
CA VAL A 22 24.74 -15.97 -12.69
C VAL A 22 25.61 -16.28 -11.47
N VAL A 23 26.02 -15.22 -10.77
CA VAL A 23 26.73 -15.36 -9.50
C VAL A 23 25.82 -14.83 -8.41
N GLU A 24 25.05 -15.73 -7.79
CA GLU A 24 23.89 -15.33 -7.01
C GLU A 24 24.30 -14.78 -5.64
N VAL A 25 23.91 -13.55 -5.36
CA VAL A 25 24.06 -12.92 -4.06
C VAL A 25 22.66 -12.51 -3.61
N VAL A 26 22.16 -13.16 -2.56
CA VAL A 26 20.78 -12.93 -2.13
C VAL A 26 20.67 -11.76 -1.15
N GLU A 27 21.72 -11.49 -0.38
CA GLU A 27 21.72 -10.35 0.53
C GLU A 27 21.51 -9.05 -0.24
N GLU A 28 20.66 -8.18 0.31
CA GLU A 28 20.37 -6.91 -0.32
C GLU A 28 21.65 -6.09 -0.50
N ASN A 29 22.37 -5.85 0.59
CA ASN A 29 23.69 -5.24 0.53
C ASN A 29 24.70 -6.34 0.21
N TYR A 30 25.26 -6.30 -0.99
CA TYR A 30 26.15 -7.37 -1.47
C TYR A 30 27.59 -7.17 -1.05
N HIS A 31 27.89 -6.15 -0.24
CA HIS A 31 29.26 -5.96 0.23
C HIS A 31 29.61 -7.04 1.24
N ASP A 32 30.65 -7.82 0.95
CA ASP A 32 31.11 -8.91 1.81
C ASP A 32 30.00 -9.93 2.07
N ALA A 33 29.10 -10.09 1.10
CA ALA A 33 27.95 -10.97 1.22
C ALA A 33 28.26 -12.35 0.64
N PRO A 34 27.58 -13.39 1.12
CA PRO A 34 27.85 -14.74 0.61
C PRO A 34 27.39 -14.90 -0.84
N ILE A 35 28.10 -15.76 -1.56
CA ILE A 35 27.70 -16.20 -2.88
C ILE A 35 27.12 -17.60 -2.73
N VAL A 36 25.83 -17.75 -3.03
CA VAL A 36 25.12 -18.99 -2.71
C VAL A 36 25.16 -20.03 -3.81
N GLY A 37 25.49 -19.65 -5.04
CA GLY A 37 25.51 -20.60 -6.14
C GLY A 37 25.84 -19.90 -7.44
N ILE A 38 26.26 -20.70 -8.41
CA ILE A 38 26.68 -20.21 -9.71
C ILE A 38 26.00 -21.04 -10.80
N ALA A 39 25.52 -20.37 -11.84
CA ALA A 39 24.95 -21.03 -13.01
C ALA A 39 25.66 -20.54 -14.26
N VAL A 40 25.85 -21.43 -15.22
CA VAL A 40 26.49 -21.11 -16.48
C VAL A 40 25.70 -21.76 -17.61
N VAL A 41 25.28 -20.97 -18.58
CA VAL A 41 24.61 -21.45 -19.78
C VAL A 41 25.41 -20.99 -21.00
N ASN A 42 25.77 -21.92 -21.86
CA ASN A 42 26.52 -21.60 -23.07
C ASN A 42 26.10 -22.56 -24.18
N GLU A 43 26.88 -22.55 -25.26
CA GLU A 43 26.57 -23.40 -26.41
C GLU A 43 26.68 -24.89 -26.09
N HIS A 44 27.34 -25.26 -25.00
CA HIS A 44 27.55 -26.66 -24.66
C HIS A 44 26.54 -27.19 -23.64
N GLY A 45 25.72 -26.34 -23.04
CA GLY A 45 24.69 -26.77 -22.15
C GLY A 45 24.53 -25.83 -20.98
N ARG A 46 23.81 -26.29 -19.96
CA ARG A 46 23.52 -25.52 -18.76
C ARG A 46 24.16 -26.22 -17.57
N PHE A 47 24.82 -25.44 -16.71
CA PHE A 47 25.59 -25.99 -15.62
C PHE A 47 25.32 -25.21 -14.34
N PHE A 48 25.23 -25.93 -13.22
CA PHE A 48 25.20 -25.33 -11.90
C PHE A 48 26.49 -25.70 -11.16
N LEU A 49 27.08 -24.72 -10.50
CA LEU A 49 28.34 -24.90 -9.80
C LEU A 49 28.22 -24.42 -8.38
N ARG A 50 28.57 -25.28 -7.42
CA ARG A 50 28.69 -24.84 -6.05
C ARG A 50 29.85 -23.85 -5.94
N PRO A 51 29.67 -22.72 -5.26
CA PRO A 51 30.71 -21.68 -5.29
C PRO A 51 31.98 -22.06 -4.55
N GLU A 52 31.89 -22.85 -3.48
CA GLU A 52 33.08 -23.16 -2.69
C GLU A 52 34.11 -23.96 -3.47
N THR A 53 33.70 -24.65 -4.53
CA THR A 53 34.64 -25.37 -5.40
C THR A 53 34.93 -24.64 -6.70
N ALA A 54 33.95 -23.91 -7.25
CA ALA A 54 34.17 -23.18 -8.50
C ALA A 54 35.05 -21.97 -8.29
N LEU A 55 34.89 -21.27 -7.16
CA LEU A 55 35.69 -20.10 -6.88
C LEU A 55 37.08 -20.44 -6.35
N ALA A 56 37.34 -21.73 -6.08
CA ALA A 56 38.68 -22.21 -5.76
C ALA A 56 39.34 -22.91 -6.93
N ASP A 57 38.62 -23.13 -8.02
CA ASP A 57 39.19 -23.77 -9.21
C ASP A 57 39.98 -22.73 -10.00
N PRO A 58 41.28 -22.93 -10.21
CA PRO A 58 42.07 -21.92 -10.93
C PRO A 58 41.61 -21.68 -12.36
N GLN A 59 41.07 -22.71 -13.02
CA GLN A 59 40.59 -22.53 -14.40
C GLN A 59 39.35 -21.65 -14.43
N PHE A 60 38.45 -21.81 -13.45
CA PHE A 60 37.25 -20.99 -13.44
C PHE A 60 37.57 -19.55 -13.05
N VAL A 61 38.49 -19.36 -12.12
CA VAL A 61 38.88 -18.01 -11.71
C VAL A 61 39.50 -17.26 -12.88
N ALA A 62 40.40 -17.91 -13.62
CA ALA A 62 41.01 -17.26 -14.79
C ALA A 62 39.97 -16.96 -15.86
N TRP A 63 38.97 -17.83 -16.00
CA TRP A 63 37.90 -17.58 -16.97
C TRP A 63 37.09 -16.34 -16.59
N LEU A 64 36.80 -16.18 -15.29
CA LEU A 64 36.08 -14.99 -14.84
C LEU A 64 36.84 -13.72 -15.18
N GLY A 65 38.17 -13.74 -15.03
CA GLY A 65 38.99 -12.56 -15.25
C GLY A 65 39.47 -12.36 -16.67
N ASP A 66 39.24 -13.31 -17.56
CA ASP A 66 39.63 -13.17 -18.96
C ASP A 66 38.57 -12.33 -19.66
N GLU A 67 38.94 -11.10 -20.03
CA GLU A 67 37.98 -10.21 -20.69
C GLU A 67 37.62 -10.66 -22.10
N THR A 68 38.37 -11.60 -22.67
CA THR A 68 38.01 -12.16 -23.98
C THR A 68 36.96 -13.25 -23.87
N LYS A 69 36.69 -13.76 -22.67
CA LYS A 69 35.55 -14.64 -22.43
C LYS A 69 34.35 -13.76 -22.10
N LYS A 70 33.40 -13.68 -23.03
CA LYS A 70 32.28 -12.75 -22.88
C LYS A 70 31.18 -13.37 -22.03
N LYS A 71 30.66 -12.57 -21.09
CA LYS A 71 29.60 -13.02 -20.19
C LYS A 71 28.38 -12.13 -20.32
N SER A 72 27.21 -12.75 -20.38
CA SER A 72 25.93 -12.06 -20.28
C SER A 72 25.36 -12.28 -18.88
N MET A 73 24.99 -11.20 -18.21
CA MET A 73 24.58 -11.27 -16.81
C MET A 73 23.38 -10.37 -16.57
N PHE A 74 22.86 -10.43 -15.35
CA PHE A 74 21.87 -9.50 -14.83
C PHE A 74 22.42 -8.92 -13.53
N ASP A 75 22.57 -7.60 -13.47
CA ASP A 75 23.17 -6.90 -12.34
C ASP A 75 24.60 -7.40 -12.10
N SER A 76 25.45 -7.10 -13.08
CA SER A 76 26.83 -7.56 -13.05
C SER A 76 27.64 -6.87 -11.96
N LYS A 77 27.31 -5.63 -11.63
CA LYS A 77 28.02 -4.94 -10.55
C LYS A 77 27.85 -5.68 -9.23
N ARG A 78 26.67 -6.23 -8.99
CA ARG A 78 26.44 -7.03 -7.79
C ARG A 78 27.40 -8.20 -7.71
N ALA A 79 27.59 -8.91 -8.83
CA ALA A 79 28.52 -10.03 -8.84
C ALA A 79 29.96 -9.56 -8.77
N ALA A 80 30.28 -8.45 -9.43
CA ALA A 80 31.67 -7.99 -9.48
C ALA A 80 32.15 -7.54 -8.10
N VAL A 81 31.31 -6.82 -7.35
CA VAL A 81 31.70 -6.37 -6.02
C VAL A 81 31.79 -7.56 -5.07
N ALA A 82 30.82 -8.47 -5.14
CA ALA A 82 30.85 -9.64 -4.27
C ALA A 82 32.07 -10.52 -4.56
N LEU A 83 32.48 -10.59 -5.83
CA LEU A 83 33.69 -11.34 -6.17
C LEU A 83 34.96 -10.61 -5.75
N LYS A 84 34.96 -9.26 -5.78
CA LYS A 84 36.10 -8.52 -5.27
C LYS A 84 36.33 -8.80 -3.80
N TRP A 85 35.24 -8.88 -3.02
CA TRP A 85 35.37 -9.25 -1.61
C TRP A 85 35.90 -10.66 -1.43
N LYS A 86 35.80 -11.50 -2.45
CA LYS A 86 36.38 -12.84 -2.43
C LYS A 86 37.78 -12.88 -3.03
N GLY A 87 38.32 -11.73 -3.46
CA GLY A 87 39.62 -11.69 -4.08
C GLY A 87 39.65 -12.08 -5.54
N ILE A 88 38.51 -12.02 -6.23
CA ILE A 88 38.37 -12.50 -7.60
C ILE A 88 37.90 -11.35 -8.48
N GLU A 89 38.52 -11.20 -9.65
CA GLU A 89 38.16 -10.16 -10.60
C GLU A 89 37.29 -10.74 -11.70
N LEU A 90 36.23 -10.03 -12.04
CA LEU A 90 35.29 -10.41 -13.09
C LEU A 90 35.47 -9.47 -14.28
N CYS A 91 35.81 -10.03 -15.44
CA CYS A 91 36.00 -9.25 -16.65
C CYS A 91 35.22 -9.87 -17.79
N GLY A 92 35.06 -9.09 -18.86
CA GLY A 92 34.43 -9.59 -20.07
C GLY A 92 32.93 -9.59 -20.06
N VAL A 93 32.29 -8.80 -19.21
CA VAL A 93 30.83 -8.69 -19.22
C VAL A 93 30.43 -7.86 -20.44
N SER A 94 29.75 -8.50 -21.40
CA SER A 94 29.36 -7.84 -22.64
C SER A 94 27.88 -7.50 -22.71
N PHE A 95 27.07 -7.98 -21.76
CA PHE A 95 25.65 -7.66 -21.75
C PHE A 95 25.12 -7.78 -20.33
N ASP A 96 24.44 -6.73 -19.86
CA ASP A 96 23.80 -6.71 -18.55
C ASP A 96 22.31 -6.49 -18.76
N LEU A 97 21.52 -7.53 -18.49
CA LEU A 97 20.07 -7.45 -18.74
C LEU A 97 19.41 -6.37 -17.89
N LEU A 98 19.91 -6.15 -16.67
CA LEU A 98 19.35 -5.12 -15.80
C LEU A 98 19.48 -3.73 -16.43
N LEU A 99 20.67 -3.40 -16.91
CA LEU A 99 20.88 -2.09 -17.51
C LEU A 99 20.18 -1.95 -18.85
N ALA A 100 20.03 -3.06 -19.59
CA ALA A 100 19.32 -3.01 -20.86
C ALA A 100 17.83 -2.74 -20.65
N ALA A 101 17.23 -3.38 -19.64
CA ALA A 101 15.83 -3.10 -19.33
C ALA A 101 15.66 -1.71 -18.74
N TYR A 102 16.66 -1.21 -18.02
CA TYR A 102 16.56 0.12 -17.44
C TYR A 102 16.56 1.20 -18.51
N LEU A 103 17.38 1.03 -19.55
CA LEU A 103 17.40 1.98 -20.65
C LEU A 103 16.12 1.91 -21.47
N LEU A 104 15.58 0.70 -21.67
CA LEU A 104 14.36 0.55 -22.47
C LEU A 104 13.18 1.23 -21.79
N ASP A 105 13.07 1.09 -20.47
CA ASP A 105 11.95 1.68 -19.74
C ASP A 105 12.27 1.73 -18.25
N PRO A 106 12.69 2.88 -17.72
CA PRO A 106 13.00 2.95 -16.28
C PRO A 106 11.77 2.84 -15.39
N ALA A 107 10.57 3.00 -15.92
CA ALA A 107 9.35 2.93 -15.11
C ALA A 107 8.95 1.50 -14.76
N GLN A 108 9.55 0.49 -15.40
CA GLN A 108 9.20 -0.89 -15.07
C GLN A 108 9.67 -1.26 -13.66
N GLY A 109 10.72 -0.61 -13.18
CA GLY A 109 11.29 -1.00 -11.89
C GLY A 109 11.81 -2.42 -11.90
N VAL A 110 12.46 -2.82 -12.99
CA VAL A 110 12.97 -4.19 -13.10
C VAL A 110 14.02 -4.43 -12.03
N ASP A 111 13.75 -5.38 -11.14
CA ASP A 111 14.65 -5.71 -10.05
C ASP A 111 15.12 -7.16 -10.06
N ASP A 112 14.59 -8.00 -10.95
CA ASP A 112 15.08 -9.37 -11.09
C ASP A 112 14.91 -9.80 -12.54
N VAL A 113 15.47 -10.99 -12.84
CA VAL A 113 15.44 -11.50 -14.21
C VAL A 113 14.01 -11.70 -14.70
N ALA A 114 13.13 -12.16 -13.81
CA ALA A 114 11.75 -12.43 -14.21
C ALA A 114 11.05 -11.16 -14.68
N ALA A 115 11.27 -10.05 -13.99
CA ALA A 115 10.61 -8.80 -14.37
C ALA A 115 11.07 -8.32 -15.74
N ALA A 116 12.36 -8.48 -16.04
CA ALA A 116 12.85 -8.09 -17.36
C ALA A 116 12.39 -9.09 -18.43
N ALA A 117 12.39 -10.38 -18.09
CA ALA A 117 11.96 -11.39 -19.05
C ALA A 117 10.51 -11.17 -19.47
N LYS A 118 9.67 -10.74 -18.53
CA LYS A 118 8.25 -10.51 -18.83
C LYS A 118 8.07 -9.42 -19.89
N MET A 119 9.05 -8.53 -20.06
CA MET A 119 8.95 -7.50 -21.08
C MET A 119 8.99 -8.10 -22.49
N LYS A 120 9.65 -9.24 -22.66
CA LYS A 120 9.73 -9.91 -23.96
C LYS A 120 8.92 -11.21 -23.97
N GLN A 121 7.86 -11.27 -23.16
CA GLN A 121 6.97 -12.43 -23.10
C GLN A 121 7.73 -13.72 -22.80
N TYR A 122 8.79 -13.60 -21.99
CA TYR A 122 9.55 -14.75 -21.52
C TYR A 122 9.18 -14.98 -20.06
N GLU A 123 8.65 -16.18 -19.76
CA GLU A 123 8.15 -16.47 -18.42
C GLU A 123 8.63 -17.81 -17.90
N ALA A 124 9.63 -18.41 -18.53
CA ALA A 124 10.19 -19.67 -18.06
C ALA A 124 11.18 -19.48 -16.92
N VAL A 125 10.87 -18.58 -15.99
CA VAL A 125 11.76 -18.28 -14.87
C VAL A 125 10.91 -17.65 -13.77
N ARG A 126 11.24 -17.99 -12.51
CA ARG A 126 10.41 -17.47 -11.43
C ARG A 126 11.03 -16.22 -10.82
N PRO A 127 10.21 -15.34 -10.23
CA PRO A 127 10.77 -14.18 -9.54
C PRO A 127 11.58 -14.59 -8.32
N ASP A 128 12.62 -13.80 -8.02
CA ASP A 128 13.47 -14.10 -6.87
C ASP A 128 12.66 -14.15 -5.58
N GLU A 129 11.66 -13.27 -5.47
CA GLU A 129 10.84 -13.22 -4.26
C GLU A 129 10.04 -14.51 -4.08
N ALA A 130 9.66 -15.18 -5.17
CA ALA A 130 8.94 -16.44 -5.04
C ALA A 130 9.86 -17.57 -4.60
N VAL A 131 11.14 -17.48 -4.91
CA VAL A 131 12.09 -18.53 -4.56
C VAL A 131 12.65 -18.32 -3.16
N TYR A 132 13.00 -17.08 -2.81
CA TYR A 132 13.66 -16.80 -1.53
C TYR A 132 12.71 -16.37 -0.43
N GLY A 133 11.53 -15.85 -0.77
CA GLY A 133 10.59 -15.38 0.24
C GLY A 133 10.86 -13.94 0.65
N LYS A 134 10.03 -13.48 1.59
CA LYS A 134 10.06 -12.11 2.06
C LYS A 134 10.34 -12.05 3.56
N GLY A 135 11.00 -10.97 3.97
CA GLY A 135 11.10 -10.63 5.39
C GLY A 135 11.76 -11.72 6.21
N ALA A 136 11.14 -12.02 7.36
CA ALA A 136 11.71 -13.00 8.28
C ALA A 136 11.71 -14.41 7.72
N LYS A 137 10.83 -14.71 6.76
CA LYS A 137 10.78 -16.03 6.14
C LYS A 137 11.74 -16.17 4.96
N ARG A 138 12.57 -15.15 4.71
CA ARG A 138 13.48 -15.18 3.57
C ARG A 138 14.65 -16.11 3.87
N ALA A 139 14.89 -17.07 2.97
CA ALA A 139 15.94 -18.04 3.16
C ALA A 139 16.34 -18.64 1.83
N VAL A 140 17.52 -19.24 1.80
CA VAL A 140 18.02 -19.91 0.61
C VAL A 140 17.38 -21.29 0.52
N PRO A 141 16.80 -21.66 -0.61
CA PRO A 141 16.22 -23.00 -0.74
C PRO A 141 17.30 -24.06 -0.84
N ASP A 142 16.89 -25.32 -0.77
CA ASP A 142 17.84 -26.41 -0.92
C ASP A 142 18.35 -26.47 -2.36
N GLU A 143 19.47 -27.18 -2.53
CA GLU A 143 20.22 -27.14 -3.79
C GLU A 143 19.38 -27.43 -5.03
N PRO A 144 18.58 -28.49 -5.10
CA PRO A 144 17.83 -28.74 -6.35
C PRO A 144 16.86 -27.63 -6.72
N VAL A 145 16.34 -26.88 -5.74
CA VAL A 145 15.49 -25.74 -6.07
C VAL A 145 16.33 -24.52 -6.42
N LEU A 146 17.40 -24.27 -5.66
CA LEU A 146 18.27 -23.14 -5.96
C LEU A 146 18.94 -23.30 -7.32
N ALA A 147 19.38 -24.52 -7.65
CA ALA A 147 20.11 -24.73 -8.89
C ALA A 147 19.24 -24.45 -10.10
N GLU A 148 18.00 -24.97 -10.10
CA GLU A 148 17.11 -24.75 -11.23
C GLU A 148 16.79 -23.28 -11.39
N HIS A 149 16.57 -22.56 -10.28
CA HIS A 149 16.28 -21.14 -10.35
C HIS A 149 17.43 -20.36 -10.99
N LEU A 150 18.66 -20.69 -10.61
CA LEU A 150 19.81 -19.99 -11.18
C LEU A 150 20.02 -20.38 -12.63
N VAL A 151 19.83 -21.66 -12.96
CA VAL A 151 19.94 -22.10 -14.34
C VAL A 151 18.86 -21.45 -15.20
N ARG A 152 17.64 -21.35 -14.69
CA ARG A 152 16.57 -20.72 -15.45
C ARG A 152 16.83 -19.23 -15.64
N LYS A 153 17.40 -18.58 -14.63
CA LYS A 153 17.77 -17.18 -14.81
C LYS A 153 18.88 -17.02 -15.84
N ALA A 154 19.85 -17.92 -15.82
CA ALA A 154 20.93 -17.86 -16.82
C ALA A 154 20.39 -18.16 -18.22
N ALA A 155 19.53 -19.17 -18.34
CA ALA A 155 18.95 -19.49 -19.65
C ALA A 155 18.13 -18.32 -20.18
N ALA A 156 17.39 -17.63 -19.30
CA ALA A 156 16.65 -16.45 -19.72
C ALA A 156 17.59 -15.38 -20.27
N ILE A 157 18.67 -15.08 -19.53
CA ILE A 157 19.66 -14.11 -20.00
C ILE A 157 20.22 -14.56 -21.35
N TRP A 158 20.41 -15.86 -21.52
CA TRP A 158 20.95 -16.39 -22.78
C TRP A 158 20.01 -16.09 -23.95
N GLU A 159 18.71 -16.24 -23.74
CA GLU A 159 17.73 -16.04 -24.81
C GLU A 159 17.33 -14.59 -24.99
N LEU A 160 17.48 -13.75 -23.97
CA LEU A 160 16.93 -12.40 -24.00
C LEU A 160 17.92 -11.35 -24.51
N GLU A 161 19.20 -11.69 -24.65
CA GLU A 161 20.17 -10.68 -25.08
C GLU A 161 19.82 -10.12 -26.45
N ARG A 162 19.63 -10.99 -27.43
CA ARG A 162 19.34 -10.53 -28.79
C ARG A 162 18.07 -9.70 -28.90
N PRO A 163 16.93 -10.11 -28.33
CA PRO A 163 15.73 -9.24 -28.41
C PRO A 163 15.93 -7.89 -27.73
N PHE A 164 16.65 -7.85 -26.61
CA PHE A 164 16.87 -6.58 -25.93
C PHE A 164 17.81 -5.68 -26.71
N LEU A 165 18.88 -6.25 -27.27
CA LEU A 165 19.80 -5.44 -28.08
C LEU A 165 19.13 -4.92 -29.34
N ASP A 166 18.18 -5.68 -29.90
CA ASP A 166 17.48 -5.23 -31.10
C ASP A 166 16.62 -4.01 -30.82
N GLU A 167 15.90 -4.03 -29.69
CA GLU A 167 15.06 -2.88 -29.35
C GLU A 167 15.90 -1.69 -28.92
N LEU A 168 17.01 -1.94 -28.22
CA LEU A 168 17.92 -0.85 -27.88
C LEU A 168 18.44 -0.18 -29.14
N ARG A 169 18.74 -0.96 -30.18
CA ARG A 169 19.18 -0.39 -31.44
C ARG A 169 18.10 0.49 -32.06
N ARG A 170 16.85 0.02 -32.04
CA ARG A 170 15.76 0.83 -32.61
C ARG A 170 15.59 2.13 -31.85
N ASN A 171 15.79 2.10 -30.53
CA ASN A 171 15.68 3.28 -29.68
C ASN A 171 16.92 4.17 -29.71
N GLU A 172 17.92 3.83 -30.53
CA GLU A 172 19.21 4.55 -30.55
C GLU A 172 19.90 4.47 -29.19
N GLN A 173 19.74 3.34 -28.50
CA GLN A 173 20.29 3.16 -27.17
C GLN A 173 21.32 2.03 -27.11
N ASP A 174 21.77 1.50 -28.25
CA ASP A 174 22.74 0.40 -28.21
C ASP A 174 24.09 0.88 -27.74
N ARG A 175 24.55 2.03 -28.24
CA ARG A 175 25.80 2.61 -27.74
C ARG A 175 25.65 3.11 -26.31
N LEU A 176 24.44 3.50 -25.92
CA LEU A 176 24.20 3.95 -24.55
C LEU A 176 24.43 2.82 -23.56
N LEU A 177 24.11 1.58 -23.95
CA LEU A 177 24.34 0.42 -23.09
C LEU A 177 25.80 -0.01 -23.11
N VAL A 178 26.34 -0.25 -24.30
CA VAL A 178 27.62 -0.94 -24.42
C VAL A 178 28.80 0.00 -24.14
N GLU A 179 28.68 1.29 -24.47
CA GLU A 179 29.79 2.21 -24.33
C GLU A 179 29.67 3.15 -23.14
N LEU A 180 28.52 3.19 -22.47
CA LEU A 180 28.34 4.10 -21.34
C LEU A 180 27.94 3.35 -20.08
N GLU A 181 26.73 2.83 -20.02
CA GLU A 181 26.23 2.17 -18.79
C GLU A 181 27.08 0.98 -18.36
N GLN A 182 27.41 0.07 -19.25
CA GLN A 182 28.16 -1.13 -18.85
C GLN A 182 29.59 -0.80 -18.45
N PRO A 183 30.34 0.04 -19.18
CA PRO A 183 31.65 0.44 -18.66
C PRO A 183 31.57 1.17 -17.33
N LEU A 184 30.57 2.04 -17.16
CA LEU A 184 30.38 2.71 -15.88
C LEU A 184 30.08 1.70 -14.77
N SER A 185 29.40 0.61 -15.10
CA SER A 185 29.08 -0.41 -14.10
C SER A 185 30.35 -0.97 -13.48
N SER A 186 31.39 -1.19 -14.28
CA SER A 186 32.66 -1.66 -13.74
C SER A 186 33.35 -0.59 -12.90
N ILE A 187 33.19 0.68 -13.28
CA ILE A 187 33.81 1.76 -12.52
C ILE A 187 33.15 1.91 -11.16
N LEU A 188 31.82 1.91 -11.12
CA LEU A 188 31.11 2.00 -9.85
C LEU A 188 31.47 0.85 -8.93
N ALA A 189 31.69 -0.34 -9.49
CA ALA A 189 32.11 -1.48 -8.69
C ALA A 189 33.44 -1.21 -8.01
N GLU A 190 34.39 -0.63 -8.75
CA GLU A 190 35.67 -0.25 -8.14
C GLU A 190 35.48 0.79 -7.04
N MET A 191 34.61 1.78 -7.30
CA MET A 191 34.36 2.82 -6.32
C MET A 191 33.72 2.26 -5.05
N GLU A 192 32.68 1.45 -5.21
CA GLU A 192 32.00 0.86 -4.06
C GLU A 192 32.95 -0.04 -3.26
N PHE A 193 33.77 -0.83 -3.96
CA PHE A 193 34.69 -1.73 -3.26
C PHE A 193 35.80 -0.98 -2.56
N ALA A 194 36.26 0.13 -3.16
CA ALA A 194 37.32 0.91 -2.54
C ALA A 194 36.85 1.50 -1.21
N GLY A 195 35.64 2.04 -1.17
CA GLY A 195 35.12 2.64 0.04
C GLY A 195 35.73 4.00 0.32
N VAL A 196 35.26 4.62 1.40
CA VAL A 196 35.74 5.93 1.84
C VAL A 196 36.09 5.84 3.32
N LYS A 197 37.33 6.21 3.65
CA LYS A 197 37.78 6.19 5.03
C LYS A 197 37.03 7.23 5.85
N VAL A 198 36.71 6.88 7.09
CA VAL A 198 35.91 7.74 7.97
C VAL A 198 36.64 7.87 9.31
N ASP A 199 36.79 9.12 9.76
CA ASP A 199 37.37 9.41 11.08
C ASP A 199 36.30 9.15 12.13
N THR A 200 36.23 7.90 12.59
CA THR A 200 35.17 7.52 13.52
C THR A 200 35.31 8.21 14.88
N LYS A 201 36.55 8.45 15.32
CA LYS A 201 36.74 9.17 16.58
C LYS A 201 36.26 10.61 16.47
N ARG A 202 36.36 11.22 15.30
CA ARG A 202 35.82 12.56 15.11
C ARG A 202 34.29 12.53 15.08
N LEU A 203 33.72 11.49 14.48
CA LEU A 203 32.26 11.33 14.50
C LEU A 203 31.75 11.05 15.91
N GLU A 204 32.36 10.08 16.59
CA GLU A 204 31.94 9.72 17.94
C GLU A 204 32.04 10.90 18.90
N GLN A 205 33.00 11.80 18.66
CA GLN A 205 33.09 13.00 19.50
C GLN A 205 31.94 13.96 19.23
N MET A 206 31.62 14.17 17.95
CA MET A 206 30.48 15.02 17.61
C MET A 206 29.18 14.45 18.16
N GLY A 207 29.06 13.12 18.16
CA GLY A 207 27.85 12.49 18.67
C GLY A 207 27.61 12.77 20.15
N LYS A 208 28.69 12.95 20.91
CA LYS A 208 28.55 13.28 22.33
C LYS A 208 28.14 14.73 22.51
N GLU A 209 28.68 15.64 21.71
CA GLU A 209 28.32 17.05 21.82
C GLU A 209 26.92 17.31 21.31
N LEU A 210 26.48 16.57 20.29
CA LEU A 210 25.12 16.74 19.78
C LEU A 210 24.09 16.29 20.81
N ALA A 211 24.37 15.22 21.55
CA ALA A 211 23.44 14.72 22.56
C ALA A 211 23.32 15.71 23.72
N GLU A 212 24.44 16.33 24.12
CA GLU A 212 24.37 17.32 25.19
C GLU A 212 23.76 18.62 24.72
N GLN A 213 23.91 18.95 23.43
CA GLN A 213 23.30 20.15 22.89
C GLN A 213 21.81 19.97 22.60
N LEU A 214 21.40 18.74 22.32
CA LEU A 214 19.97 18.47 22.08
C LEU A 214 19.15 18.71 23.35
N GLY A 215 19.68 18.29 24.50
CA GLY A 215 18.96 18.49 25.75
C GLY A 215 18.79 19.95 26.11
N THR A 216 19.77 20.79 25.76
CA THR A 216 19.68 22.22 26.05
C THR A 216 18.53 22.85 25.26
N VAL A 217 18.46 22.55 23.96
CA VAL A 217 17.32 23.02 23.16
C VAL A 217 16.04 22.36 23.61
N GLU A 218 16.13 21.11 24.08
CA GLU A 218 14.94 20.38 24.51
C GLU A 218 14.27 21.07 25.69
N GLN A 219 15.06 21.51 26.68
CA GLN A 219 14.49 22.18 27.83
C GLN A 219 13.99 23.57 27.48
N ARG A 220 14.68 24.27 26.58
CA ARG A 220 14.20 25.57 26.13
C ARG A 220 12.87 25.45 25.39
N ILE A 221 12.68 24.36 24.66
CA ILE A 221 11.39 24.12 24.02
C ILE A 221 10.32 23.81 25.06
N TYR A 222 10.66 22.98 26.05
CA TYR A 222 9.70 22.69 27.12
C TYR A 222 9.35 23.95 27.90
N GLU A 223 10.33 24.83 28.12
CA GLU A 223 10.06 26.07 28.83
C GLU A 223 9.24 27.03 27.98
N LEU A 224 9.57 27.15 26.69
CA LEU A 224 8.81 28.02 25.80
C LEU A 224 7.39 27.48 25.60
N ALA A 225 7.24 26.16 25.52
CA ALA A 225 5.91 25.56 25.44
C ALA A 225 5.16 25.61 26.76
N GLY A 226 5.84 25.93 27.86
CA GLY A 226 5.23 25.92 29.17
C GLY A 226 5.11 24.56 29.83
N GLN A 227 5.13 23.48 29.05
CA GLN A 227 5.02 22.13 29.58
C GLN A 227 5.97 21.23 28.81
N GLU A 228 6.10 19.99 29.29
CA GLU A 228 6.89 18.98 28.60
C GLU A 228 5.99 18.16 27.68
N PHE A 229 6.53 17.78 26.53
CA PHE A 229 5.79 17.00 25.54
C PHE A 229 6.80 16.31 24.63
N ASN A 230 6.29 15.38 23.83
CA ASN A 230 7.11 14.69 22.85
C ASN A 230 7.26 15.61 21.64
N ILE A 231 8.44 16.23 21.51
CA ILE A 231 8.67 17.19 20.44
C ILE A 231 8.58 16.53 19.07
N ASN A 232 8.89 15.24 19.00
CA ASN A 232 8.81 14.51 17.74
C ASN A 232 7.41 14.00 17.43
N SER A 233 6.47 14.12 18.36
CA SER A 233 5.11 13.63 18.14
C SER A 233 4.29 14.68 17.42
N PRO A 234 3.79 14.41 16.20
CA PRO A 234 2.98 15.42 15.52
C PRO A 234 1.70 15.78 16.26
N LYS A 235 1.08 14.81 16.93
CA LYS A 235 -0.14 15.09 17.69
C LYS A 235 0.11 16.13 18.77
N GLN A 236 1.06 15.85 19.66
CA GLN A 236 1.34 16.77 20.76
C GLN A 236 1.93 18.08 20.26
N LEU A 237 2.79 18.02 19.23
CA LEU A 237 3.34 19.25 18.67
C LEU A 237 2.26 20.11 18.06
N GLY A 238 1.33 19.51 17.32
CA GLY A 238 0.21 20.26 16.78
C GLY A 238 -0.67 20.87 17.86
N VAL A 239 -0.79 20.20 19.00
CA VAL A 239 -1.57 20.74 20.11
C VAL A 239 -0.84 21.91 20.76
N ILE A 240 0.47 21.77 20.95
CA ILE A 240 1.24 22.86 21.55
C ILE A 240 1.23 24.10 20.65
N LEU A 241 1.44 23.90 19.35
CA LEU A 241 1.59 25.04 18.44
C LEU A 241 0.24 25.63 18.05
N PHE A 242 -0.71 24.79 17.67
CA PHE A 242 -1.94 25.24 17.02
C PHE A 242 -3.17 25.13 17.91
N GLU A 243 -3.01 24.78 19.18
CA GLU A 243 -4.15 24.72 20.09
C GLU A 243 -3.84 25.47 21.38
N LYS A 244 -2.67 25.24 21.96
CA LYS A 244 -2.28 25.96 23.17
C LYS A 244 -1.76 27.35 22.84
N LEU A 245 -0.74 27.43 21.99
CA LEU A 245 -0.20 28.72 21.57
C LEU A 245 -1.07 29.41 20.53
N GLN A 246 -1.99 28.68 19.90
CA GLN A 246 -2.95 29.24 18.95
C GLN A 246 -2.25 29.95 17.80
N LEU A 247 -1.25 29.28 17.23
CA LEU A 247 -0.57 29.81 16.05
C LEU A 247 -1.44 29.60 14.82
N PRO A 248 -1.27 30.44 13.80
CA PRO A 248 -2.07 30.27 12.57
C PRO A 248 -1.78 28.94 11.90
N VAL A 249 -2.82 28.36 11.32
CA VAL A 249 -2.72 27.09 10.61
C VAL A 249 -2.55 27.43 9.13
N LEU A 250 -1.31 27.32 8.64
CA LEU A 250 -1.01 27.69 7.26
C LEU A 250 -1.11 26.51 6.29
N LYS A 251 -1.13 25.29 6.79
CA LYS A 251 -1.09 24.11 5.92
C LYS A 251 -1.55 22.90 6.71
N LYS A 252 -2.25 22.00 6.04
CA LYS A 252 -2.73 20.76 6.63
C LYS A 252 -2.16 19.57 5.88
N THR A 253 -2.00 18.46 6.60
CA THR A 253 -1.63 17.19 6.00
C THR A 253 -2.85 16.27 5.95
N LYS A 254 -2.67 15.09 5.37
CA LYS A 254 -3.75 14.10 5.37
C LYS A 254 -4.11 13.66 6.78
N THR A 255 -3.20 13.81 7.75
CA THR A 255 -3.41 13.35 9.10
C THR A 255 -3.62 14.46 10.12
N GLY A 256 -3.20 15.69 9.81
CA GLY A 256 -3.38 16.78 10.75
C GLY A 256 -2.63 18.02 10.31
N TYR A 257 -2.14 18.76 11.31
CA TYR A 257 -1.39 19.97 11.04
C TYR A 257 -0.06 19.65 10.38
N SER A 258 0.36 20.49 9.44
CA SER A 258 1.69 20.40 8.87
C SER A 258 2.67 21.20 9.71
N THR A 259 3.85 20.61 9.94
CA THR A 259 4.91 21.27 10.69
C THR A 259 6.23 21.24 9.92
N SER A 260 6.15 21.33 8.59
CA SER A 260 7.35 21.33 7.77
C SER A 260 8.12 22.63 7.97
N ALA A 261 9.37 22.63 7.49
CA ALA A 261 10.26 23.76 7.74
C ALA A 261 9.72 25.05 7.15
N ASP A 262 9.09 24.97 5.96
CA ASP A 262 8.54 26.18 5.36
C ASP A 262 7.41 26.75 6.19
N VAL A 263 6.66 25.89 6.89
CA VAL A 263 5.59 26.37 7.76
C VAL A 263 6.17 27.01 9.01
N LEU A 264 7.12 26.32 9.65
CA LEU A 264 7.71 26.84 10.89
C LEU A 264 8.40 28.17 10.67
N GLU A 265 8.95 28.39 9.48
CA GLU A 265 9.67 29.64 9.22
C GLU A 265 8.71 30.82 9.09
N LYS A 266 7.55 30.60 8.47
CA LYS A 266 6.54 31.66 8.41
C LYS A 266 5.89 31.92 9.75
N LEU A 267 6.03 31.00 10.70
CA LEU A 267 5.52 31.18 12.06
C LEU A 267 6.55 31.82 12.98
N ALA A 268 7.76 32.10 12.48
CA ALA A 268 8.78 32.71 13.32
C ALA A 268 8.39 34.07 13.88
N PRO A 269 7.70 34.97 13.16
CA PRO A 269 7.28 36.22 13.80
C PRO A 269 6.26 36.05 14.91
N TYR A 270 5.67 34.87 15.07
CA TYR A 270 4.60 34.67 16.04
C TYR A 270 5.08 34.09 17.36
N HIS A 271 6.14 33.30 17.37
CA HIS A 271 6.63 32.69 18.60
C HIS A 271 8.06 32.22 18.40
N GLU A 272 8.86 32.33 19.46
CA GLU A 272 10.24 31.86 19.42
C GLU A 272 10.35 30.35 19.35
N ILE A 273 9.31 29.62 19.77
CA ILE A 273 9.43 28.18 19.95
C ILE A 273 9.64 27.46 18.62
N VAL A 274 9.12 28.03 17.52
CA VAL A 274 9.20 27.34 16.23
C VAL A 274 10.65 27.27 15.74
N GLU A 275 11.45 28.29 16.04
CA GLU A 275 12.85 28.27 15.60
C GLU A 275 13.70 27.34 16.46
N ASN A 276 13.37 27.20 17.75
CA ASN A 276 14.04 26.20 18.56
C ASN A 276 13.71 24.79 18.08
N ILE A 277 12.48 24.58 17.62
CA ILE A 277 12.10 23.27 17.08
C ILE A 277 12.88 22.98 15.81
N LEU A 278 13.03 23.97 14.93
CA LEU A 278 13.84 23.79 13.72
C LEU A 278 15.26 23.42 14.07
N HIS A 279 15.88 24.15 15.00
CA HIS A 279 17.23 23.82 15.44
C HIS A 279 17.27 22.47 16.14
N TYR A 280 16.20 22.12 16.86
CA TYR A 280 16.13 20.82 17.51
C TYR A 280 16.11 19.68 16.49
N ARG A 281 15.32 19.84 15.43
CA ARG A 281 15.24 18.79 14.41
C ARG A 281 16.56 18.65 13.66
N GLN A 282 17.23 19.77 13.38
CA GLN A 282 18.47 19.74 12.62
C GLN A 282 19.57 19.01 13.39
N LEU A 283 19.64 19.22 14.72
CA LEU A 283 20.59 18.48 15.53
C LEU A 283 20.24 16.99 15.56
N GLY A 284 18.94 16.68 15.68
CA GLY A 284 18.53 15.29 15.68
C GLY A 284 18.74 14.62 14.32
N LYS A 285 18.59 15.39 13.24
CA LYS A 285 18.84 14.85 11.90
C LYS A 285 20.28 14.39 11.76
N LEU A 286 21.22 15.26 12.14
CA LEU A 286 22.63 14.89 12.07
C LEU A 286 22.94 13.73 13.00
N GLN A 287 22.30 13.70 14.17
CA GLN A 287 22.57 12.64 15.14
C GLN A 287 22.08 11.30 14.64
N SER A 288 20.81 11.23 14.22
CA SER A 288 20.21 9.95 13.86
C SER A 288 20.78 9.42 12.55
N THR A 289 20.79 10.25 11.50
CA THR A 289 21.12 9.81 10.15
C THR A 289 22.62 9.78 9.89
N TYR A 290 23.37 10.78 10.37
CA TYR A 290 24.76 10.94 9.95
C TYR A 290 25.79 10.65 11.03
N ILE A 291 25.39 10.62 12.30
CA ILE A 291 26.31 10.22 13.36
C ILE A 291 26.08 8.74 13.66
N GLU A 292 24.86 8.40 14.06
CA GLU A 292 24.55 7.00 14.38
C GLU A 292 24.54 6.14 13.12
N GLY A 293 23.85 6.60 12.07
CA GLY A 293 23.74 5.80 10.87
C GLY A 293 25.07 5.53 10.20
N LEU A 294 25.96 6.53 10.20
CA LEU A 294 27.27 6.36 9.59
C LEU A 294 28.12 5.39 10.40
N LEU A 295 28.14 5.54 11.73
CA LEU A 295 28.94 4.65 12.57
C LEU A 295 28.40 3.23 12.57
N LYS A 296 27.13 3.03 12.23
CA LYS A 296 26.57 1.68 12.20
C LYS A 296 27.10 0.88 11.02
N VAL A 297 27.29 1.54 9.87
CA VAL A 297 27.64 0.85 8.63
C VAL A 297 29.12 0.92 8.31
N VAL A 298 29.94 1.53 9.17
CA VAL A 298 31.37 1.61 8.91
C VAL A 298 32.02 0.27 9.22
N ARG A 299 32.93 -0.15 8.36
CA ARG A 299 33.69 -1.37 8.57
C ARG A 299 34.71 -1.16 9.68
N PRO A 300 34.57 -1.83 10.83
CA PRO A 300 35.44 -1.48 11.97
C PRO A 300 36.92 -1.71 11.71
N ALA A 301 37.28 -2.78 11.00
CA ALA A 301 38.70 -3.09 10.79
C ALA A 301 39.38 -2.07 9.89
N THR A 302 38.65 -1.48 8.94
CA THR A 302 39.24 -0.55 7.99
C THR A 302 38.74 0.88 8.15
N LYS A 303 37.75 1.13 9.00
CA LYS A 303 37.16 2.45 9.17
C LYS A 303 36.58 2.98 7.87
N LYS A 304 36.18 2.09 6.97
CA LYS A 304 35.64 2.46 5.67
C LYS A 304 34.15 2.19 5.59
N VAL A 305 33.45 3.00 4.80
CA VAL A 305 32.05 2.79 4.47
C VAL A 305 31.96 2.46 2.99
N HIS A 306 31.09 1.50 2.65
CA HIS A 306 30.96 1.01 1.28
C HIS A 306 29.51 1.20 0.84
N THR A 307 29.25 2.32 0.18
CA THR A 307 27.91 2.61 -0.34
C THR A 307 27.60 1.70 -1.52
N ILE A 308 26.35 1.72 -1.94
CA ILE A 308 25.90 1.05 -3.16
C ILE A 308 25.27 2.10 -4.06
N PHE A 309 25.86 2.30 -5.24
CA PHE A 309 25.32 3.21 -6.24
C PHE A 309 24.31 2.45 -7.09
N ASN A 310 23.03 2.74 -6.90
CA ASN A 310 21.97 2.11 -7.69
C ASN A 310 21.95 2.75 -9.07
N GLN A 311 22.38 1.98 -10.08
CA GLN A 311 22.52 2.48 -11.44
C GLN A 311 21.23 2.36 -12.26
N ALA A 312 20.25 1.58 -11.79
CA ALA A 312 19.03 1.32 -12.55
C ALA A 312 17.79 1.62 -11.70
N LEU A 313 17.71 2.84 -11.17
CA LEU A 313 16.62 3.19 -10.27
C LEU A 313 15.93 4.48 -10.68
N THR A 314 16.68 5.57 -10.78
CA THR A 314 16.06 6.87 -11.00
C THR A 314 15.48 6.98 -12.40
N GLN A 315 14.38 7.72 -12.52
CA GLN A 315 13.67 7.85 -13.78
C GLN A 315 14.35 8.78 -14.77
N THR A 316 15.37 9.53 -14.34
CA THR A 316 16.06 10.46 -15.21
C THR A 316 17.43 9.98 -15.65
N GLY A 317 17.93 8.87 -15.11
CA GLY A 317 19.25 8.40 -15.43
C GLY A 317 20.31 8.76 -14.42
N ARG A 318 19.96 9.49 -13.37
CA ARG A 318 20.87 9.71 -12.26
C ARG A 318 21.18 8.41 -11.55
N LEU A 319 22.19 8.46 -10.70
CA LEU A 319 22.45 7.41 -9.73
C LEU A 319 21.73 7.72 -8.42
N SER A 320 21.69 6.73 -7.54
CA SER A 320 21.32 6.95 -6.14
C SER A 320 22.30 6.16 -5.29
N SER A 321 22.38 6.54 -4.01
CA SER A 321 23.35 5.94 -3.09
C SER A 321 22.62 5.50 -1.83
N THR A 322 22.82 4.26 -1.43
CA THR A 322 22.11 3.68 -0.30
C THR A 322 23.09 3.00 0.66
N GLU A 323 22.74 3.05 1.95
CA GLU A 323 23.35 2.30 3.04
C GLU A 323 24.87 2.33 2.99
N PRO A 324 25.52 3.47 3.27
CA PRO A 324 24.88 4.75 3.57
C PRO A 324 24.65 5.58 2.30
N ASN A 325 23.76 6.56 2.36
CA ASN A 325 23.59 7.51 1.27
C ASN A 325 24.69 8.54 1.38
N LEU A 326 25.72 8.41 0.54
CA LEU A 326 26.82 9.35 0.50
C LEU A 326 26.61 10.49 -0.49
N GLN A 327 25.41 10.60 -1.06
CA GLN A 327 25.07 11.69 -1.96
C GLN A 327 24.27 12.79 -1.28
N ASN A 328 24.04 12.69 0.04
CA ASN A 328 23.30 13.71 0.76
C ASN A 328 23.97 14.04 2.09
N ILE A 329 25.30 14.04 2.10
CA ILE A 329 26.04 14.41 3.30
C ILE A 329 25.90 15.91 3.54
N PRO A 330 25.53 16.34 4.74
CA PRO A 330 25.26 17.77 4.97
C PRO A 330 26.42 18.67 4.62
N ILE A 331 26.11 19.92 4.27
CA ILE A 331 27.11 20.89 3.85
C ILE A 331 26.57 22.31 4.00
N ARG A 332 25.26 22.49 3.87
CA ARG A 332 24.71 23.83 3.76
C ARG A 332 24.79 24.59 5.09
N LEU A 333 24.71 23.90 6.22
CA LEU A 333 24.87 24.50 7.52
C LEU A 333 26.25 24.15 8.08
N GLU A 334 26.88 25.14 8.73
CA GLU A 334 28.26 24.95 9.17
C GLU A 334 28.38 23.89 10.27
N GLU A 335 27.38 23.78 11.14
CA GLU A 335 27.44 22.76 12.18
C GLU A 335 27.22 21.37 11.61
N GLY A 336 26.49 21.26 10.51
CA GLY A 336 26.29 19.99 9.83
C GLY A 336 27.37 19.70 8.80
N ARG A 337 28.01 20.77 8.30
CA ARG A 337 29.11 20.61 7.36
C ARG A 337 30.33 19.95 7.99
N LYS A 338 30.48 20.05 9.32
CA LYS A 338 31.60 19.42 10.00
C LYS A 338 31.65 17.91 9.80
N ILE A 339 30.53 17.30 9.42
CA ILE A 339 30.52 15.86 9.20
C ILE A 339 31.39 15.50 8.01
N ARG A 340 31.49 16.37 7.01
CA ARG A 340 32.40 16.15 5.90
C ARG A 340 33.87 16.16 6.32
N GLN A 341 34.17 16.67 7.52
CA GLN A 341 35.53 16.55 8.05
C GLN A 341 35.88 15.11 8.41
N ALA A 342 34.88 14.29 8.71
CA ALA A 342 35.12 12.89 9.07
C ALA A 342 35.44 12.03 7.85
N PHE A 343 35.20 12.52 6.64
CA PHE A 343 35.53 11.79 5.43
C PHE A 343 36.95 12.15 5.01
N VAL A 344 37.87 11.21 5.19
CA VAL A 344 39.30 11.48 5.08
C VAL A 344 39.87 10.54 4.03
N PRO A 345 41.07 10.81 3.52
CA PRO A 345 41.72 9.87 2.60
C PRO A 345 42.01 8.54 3.28
N SER A 346 42.09 7.49 2.45
CA SER A 346 42.27 6.13 2.96
C SER A 346 43.72 5.78 3.22
N GLU A 347 44.66 6.66 2.88
CA GLU A 347 46.08 6.42 3.13
C GLU A 347 46.71 7.68 3.70
N SER A 348 47.92 7.50 4.25
CA SER A 348 48.71 8.65 4.68
C SER A 348 49.26 9.39 3.47
N ASP A 349 49.39 10.71 3.61
CA ASP A 349 49.92 11.58 2.57
C ASP A 349 49.10 11.53 1.28
N TRP A 350 47.85 11.10 1.37
CA TRP A 350 46.88 11.25 0.29
C TRP A 350 45.94 12.41 0.61
N LEU A 351 45.27 12.89 -0.44
CA LEU A 351 44.37 14.02 -0.29
C LEU A 351 43.06 13.72 -1.02
N ILE A 352 42.03 14.50 -0.68
CA ILE A 352 40.72 14.40 -1.34
C ILE A 352 40.66 15.46 -2.42
N PHE A 353 40.24 15.06 -3.62
CA PHE A 353 40.08 15.96 -4.76
C PHE A 353 38.62 15.94 -5.19
N ALA A 354 38.01 17.13 -5.24
CA ALA A 354 36.60 17.26 -5.61
C ALA A 354 36.46 18.24 -6.75
N ALA A 355 35.79 17.80 -7.83
CA ALA A 355 35.50 18.64 -8.98
C ALA A 355 34.01 18.57 -9.29
N ASP A 356 33.43 19.68 -9.70
CA ASP A 356 32.00 19.75 -9.95
C ASP A 356 31.69 20.73 -11.08
N TYR A 357 30.62 20.44 -11.81
CA TYR A 357 30.19 21.30 -12.90
C TYR A 357 29.52 22.56 -12.37
N SER A 358 29.75 23.67 -13.07
CA SER A 358 29.11 24.94 -12.75
C SER A 358 27.84 25.06 -13.58
N GLN A 359 26.69 24.90 -12.92
CA GLN A 359 25.37 25.10 -13.54
C GLN A 359 25.23 24.27 -14.82
N ILE A 360 25.44 22.97 -14.69
CA ILE A 360 25.49 22.12 -15.88
C ILE A 360 24.10 22.01 -16.52
N GLU A 361 23.04 21.97 -15.72
CA GLU A 361 21.71 21.82 -16.28
C GLU A 361 21.29 23.08 -17.05
N LEU A 362 21.61 24.26 -16.52
CA LEU A 362 21.27 25.49 -17.23
C LEU A 362 22.08 25.63 -18.51
N ARG A 363 23.34 25.16 -18.50
CA ARG A 363 24.13 25.15 -19.73
C ARG A 363 23.62 24.10 -20.70
N VAL A 364 23.20 22.95 -20.19
CA VAL A 364 22.56 21.94 -21.03
C VAL A 364 21.26 22.49 -21.60
N LEU A 365 20.48 23.21 -20.77
CA LEU A 365 19.25 23.81 -21.25
C LEU A 365 19.52 24.83 -22.36
N ALA A 366 20.58 25.63 -22.22
CA ALA A 366 20.89 26.63 -23.22
C ALA A 366 21.23 26.00 -24.56
N HIS A 367 22.02 24.92 -24.52
CA HIS A 367 22.37 24.20 -25.74
C HIS A 367 21.15 23.61 -26.42
N ILE A 368 20.25 23.00 -25.65
CA ILE A 368 19.11 22.30 -26.23
C ILE A 368 18.06 23.30 -26.72
N ALA A 369 17.75 24.30 -25.90
CA ALA A 369 16.80 25.32 -26.31
C ALA A 369 17.37 26.26 -27.37
N GLU A 370 18.69 26.30 -27.51
CA GLU A 370 19.36 27.24 -28.41
C GLU A 370 18.88 28.67 -28.18
N ASP A 371 18.74 29.03 -26.90
CA ASP A 371 18.34 30.38 -26.51
C ASP A 371 19.55 31.30 -26.63
N ASP A 372 19.42 32.35 -27.44
CA ASP A 372 20.56 33.22 -27.74
C ASP A 372 21.10 33.88 -26.47
N ASN A 373 20.19 34.44 -25.65
CA ASN A 373 20.64 35.14 -24.45
C ASN A 373 21.25 34.18 -23.43
N LEU A 374 20.64 33.00 -23.26
CA LEU A 374 21.18 32.04 -22.30
C LEU A 374 22.50 31.47 -22.77
N MET A 375 22.64 31.25 -24.09
CA MET A 375 23.92 30.80 -24.62
C MET A 375 24.99 31.88 -24.49
N GLU A 376 24.64 33.12 -24.83
CA GLU A 376 25.58 34.22 -24.67
C GLU A 376 26.03 34.36 -23.23
N ALA A 377 25.10 34.17 -22.27
CA ALA A 377 25.43 34.36 -20.87
C ALA A 377 26.49 33.36 -20.40
N PHE A 378 26.41 32.12 -20.88
CA PHE A 378 27.39 31.11 -20.50
C PHE A 378 28.65 31.17 -21.33
N ARG A 379 28.60 31.76 -22.53
CA ARG A 379 29.83 32.07 -23.25
C ARG A 379 30.62 33.16 -22.53
N ARG A 380 29.95 34.00 -21.75
CA ARG A 380 30.60 34.95 -20.87
C ARG A 380 30.99 34.35 -19.53
N ASP A 381 30.71 33.06 -19.33
CA ASP A 381 30.96 32.38 -18.05
C ASP A 381 30.29 33.13 -16.89
N LEU A 382 29.10 33.65 -17.16
CA LEU A 382 28.36 34.34 -16.11
C LEU A 382 27.81 33.35 -15.10
N ASP A 383 27.73 33.79 -13.84
CA ASP A 383 27.09 33.02 -12.77
C ASP A 383 25.62 33.43 -12.73
N ILE A 384 24.78 32.66 -13.42
CA ILE A 384 23.35 32.97 -13.46
C ILE A 384 22.74 32.94 -12.07
N HIS A 385 23.25 32.07 -11.19
CA HIS A 385 22.78 32.06 -9.81
C HIS A 385 23.01 33.40 -9.13
N THR A 386 24.20 33.97 -9.30
CA THR A 386 24.51 35.26 -8.71
C THR A 386 23.74 36.39 -9.41
N LYS A 387 23.71 36.36 -10.74
CA LYS A 387 22.97 37.37 -11.49
C LYS A 387 21.50 37.40 -11.08
N THR A 388 20.89 36.22 -10.92
CA THR A 388 19.49 36.18 -10.51
C THR A 388 19.32 36.68 -9.08
N ALA A 389 20.29 36.38 -8.21
CA ALA A 389 20.22 36.89 -6.83
C ALA A 389 20.30 38.41 -6.80
N MET A 390 21.11 39.00 -7.70
CA MET A 390 21.17 40.45 -7.78
C MET A 390 19.83 41.05 -8.18
N ASP A 391 19.16 40.44 -9.17
CA ASP A 391 17.89 40.95 -9.64
C ASP A 391 16.80 40.78 -8.60
N ILE A 392 16.82 39.67 -7.85
CA ILE A 392 15.78 39.42 -6.86
C ILE A 392 15.91 40.40 -5.69
N PHE A 393 17.02 40.33 -4.97
CA PHE A 393 17.19 41.10 -3.75
C PHE A 393 17.63 42.54 -3.99
N GLN A 394 17.76 42.95 -5.25
CA GLN A 394 18.10 44.34 -5.62
C GLN A 394 19.39 44.78 -4.93
N VAL A 395 20.46 44.04 -5.22
CA VAL A 395 21.79 44.30 -4.67
C VAL A 395 22.81 44.18 -5.80
N SER A 396 24.07 44.40 -5.47
CA SER A 396 25.18 44.23 -6.39
C SER A 396 25.84 42.87 -6.16
N GLU A 397 26.72 42.51 -7.09
CA GLU A 397 27.37 41.20 -7.01
C GLU A 397 28.16 41.05 -5.72
N ASP A 398 28.91 42.07 -5.33
CA ASP A 398 29.67 42.04 -4.08
C ASP A 398 28.77 42.02 -2.85
N GLU A 399 27.47 42.28 -3.00
CA GLU A 399 26.53 42.21 -1.90
C GLU A 399 25.81 40.87 -1.79
N VAL A 400 25.97 39.99 -2.77
CA VAL A 400 25.27 38.71 -2.77
C VAL A 400 25.99 37.74 -1.84
N THR A 401 25.29 37.29 -0.81
CA THR A 401 25.80 36.30 0.12
C THR A 401 25.49 34.89 -0.39
N PRO A 402 26.22 33.88 0.09
CA PRO A 402 25.91 32.49 -0.33
C PRO A 402 24.50 32.06 -0.01
N ASN A 403 23.86 32.68 0.99
CA ASN A 403 22.48 32.32 1.32
C ASN A 403 21.51 32.84 0.26
N MET A 404 21.73 34.07 -0.21
CA MET A 404 20.89 34.61 -1.28
C MET A 404 21.08 33.84 -2.58
N ARG A 405 22.32 33.42 -2.85
CA ARG A 405 22.60 32.69 -4.10
C ARG A 405 21.89 31.34 -4.10
N ARG A 406 21.87 30.66 -2.96
CA ARG A 406 21.16 29.37 -2.88
C ARG A 406 19.66 29.55 -3.12
N GLN A 407 19.09 30.68 -2.69
CA GLN A 407 17.68 30.93 -2.97
C GLN A 407 17.46 31.22 -4.45
N ALA A 408 18.33 32.03 -5.06
CA ALA A 408 18.23 32.27 -6.49
C ALA A 408 18.43 30.99 -7.29
N LYS A 409 19.17 30.03 -6.72
CA LYS A 409 19.34 28.74 -7.38
C LYS A 409 18.01 28.03 -7.55
N ALA A 410 17.17 28.03 -6.52
CA ALA A 410 15.84 27.45 -6.63
C ALA A 410 14.92 28.27 -7.53
N VAL A 411 15.19 29.57 -7.70
CA VAL A 411 14.39 30.38 -8.60
C VAL A 411 14.74 30.08 -10.05
N ASN A 412 16.02 29.93 -10.36
CA ASN A 412 16.44 29.62 -11.72
C ASN A 412 15.93 28.24 -12.14
N TYR A 413 16.15 27.23 -11.31
CA TYR A 413 15.67 25.90 -11.64
C TYR A 413 14.14 25.82 -11.54
N GLY A 414 13.56 26.53 -10.59
CA GLY A 414 12.12 26.50 -10.43
C GLY A 414 11.39 27.06 -11.65
N ILE A 415 11.85 28.20 -12.16
CA ILE A 415 11.16 28.85 -13.26
C ILE A 415 11.27 28.01 -14.53
N VAL A 416 12.46 27.52 -14.85
CA VAL A 416 12.64 26.77 -16.08
C VAL A 416 11.89 25.44 -16.04
N TYR A 417 11.60 24.93 -14.85
CA TYR A 417 10.91 23.65 -14.70
C TYR A 417 9.46 23.83 -14.26
N GLY A 418 8.87 24.99 -14.51
CA GLY A 418 7.43 25.14 -14.44
C GLY A 418 6.84 25.55 -13.10
N ILE A 419 7.63 26.19 -12.23
CA ILE A 419 7.05 26.69 -10.98
C ILE A 419 5.97 27.71 -11.31
N SER A 420 4.95 27.76 -10.47
CA SER A 420 3.86 28.70 -10.66
C SER A 420 4.14 29.99 -9.87
N ASP A 421 3.37 31.04 -10.22
CA ASP A 421 3.48 32.28 -9.47
C ASP A 421 3.18 32.06 -7.99
N TYR A 422 2.25 31.15 -7.69
CA TYR A 422 1.98 30.80 -6.30
C TYR A 422 3.21 30.22 -5.62
N GLY A 423 3.86 29.25 -6.28
CA GLY A 423 5.01 28.61 -5.68
C GLY A 423 6.19 29.55 -5.51
N LEU A 424 6.45 30.38 -6.52
CA LEU A 424 7.53 31.36 -6.40
C LEU A 424 7.24 32.37 -5.31
N ALA A 425 5.97 32.78 -5.17
CA ALA A 425 5.60 33.75 -4.14
C ALA A 425 5.85 33.19 -2.75
N GLN A 426 5.56 31.91 -2.54
CA GLN A 426 5.78 31.28 -1.25
C GLN A 426 7.26 30.98 -0.98
N ASN A 427 8.06 30.83 -2.03
CA ASN A 427 9.49 30.54 -1.83
C ASN A 427 10.28 31.79 -1.53
N LEU A 428 9.84 32.94 -2.04
CA LEU A 428 10.54 34.21 -1.84
C LEU A 428 9.83 35.13 -0.84
N ASN A 429 8.66 34.73 -0.34
CA ASN A 429 7.85 35.57 0.55
C ASN A 429 7.55 36.93 -0.09
N ILE A 430 7.25 36.91 -1.39
CA ILE A 430 6.80 38.09 -2.11
C ILE A 430 5.36 37.87 -2.54
N SER A 431 4.73 38.94 -3.01
CA SER A 431 3.34 38.85 -3.44
C SER A 431 3.22 37.94 -4.68
N ARG A 432 2.04 37.36 -4.85
CA ARG A 432 1.81 36.48 -5.98
C ARG A 432 1.80 37.23 -7.30
N LYS A 433 1.44 38.52 -7.27
CA LYS A 433 1.50 39.33 -8.48
C LYS A 433 2.93 39.65 -8.86
N GLU A 434 3.79 39.89 -7.87
CA GLU A 434 5.20 40.11 -8.14
C GLU A 434 5.85 38.86 -8.73
N ALA A 435 5.44 37.69 -8.27
CA ALA A 435 6.03 36.45 -8.78
C ALA A 435 5.68 36.24 -10.25
N ALA A 436 4.42 36.45 -10.62
CA ALA A 436 4.01 36.28 -12.00
C ALA A 436 4.73 37.27 -12.91
N GLU A 437 4.88 38.52 -12.45
CA GLU A 437 5.61 39.51 -13.24
C GLU A 437 7.08 39.15 -13.37
N PHE A 438 7.68 38.62 -12.30
CA PHE A 438 9.08 38.21 -12.36
C PHE A 438 9.26 37.03 -13.30
N ILE A 439 8.34 36.05 -13.25
CA ILE A 439 8.38 34.94 -14.20
C ILE A 439 8.19 35.46 -15.62
N GLU A 440 7.32 36.47 -15.77
CA GLU A 440 7.12 37.07 -17.09
C GLU A 440 8.39 37.73 -17.61
N ARG A 441 9.09 38.47 -16.74
CA ARG A 441 10.34 39.09 -17.14
C ARG A 441 11.41 38.04 -17.42
N TYR A 442 11.38 36.91 -16.69
CA TYR A 442 12.38 35.88 -16.87
C TYR A 442 12.30 35.26 -18.27
N PHE A 443 11.08 35.11 -18.78
CA PHE A 443 10.88 34.45 -20.07
C PHE A 443 11.00 35.40 -21.25
N GLU A 444 10.85 36.71 -21.05
CA GLU A 444 11.13 37.64 -22.13
C GLU A 444 12.63 37.86 -22.31
N SER A 445 13.43 37.64 -21.25
CA SER A 445 14.87 37.64 -21.43
C SER A 445 15.35 36.36 -22.11
N PHE A 446 14.67 35.24 -21.85
CA PHE A 446 15.02 33.95 -22.43
C PHE A 446 13.79 33.37 -23.13
N PRO A 447 13.41 33.93 -24.29
CA PRO A 447 12.23 33.41 -24.99
C PRO A 447 12.46 32.06 -25.65
N GLY A 448 13.72 31.67 -25.90
CA GLY A 448 13.98 30.35 -26.44
C GLY A 448 13.71 29.24 -25.45
N VAL A 449 13.93 29.51 -24.16
CA VAL A 449 13.63 28.52 -23.12
C VAL A 449 12.12 28.28 -23.05
N LYS A 450 11.35 29.36 -23.00
CA LYS A 450 9.88 29.22 -23.01
C LYS A 450 9.42 28.49 -24.27
N ARG A 451 10.00 28.85 -25.42
CA ARG A 451 9.69 28.15 -26.66
C ARG A 451 9.99 26.66 -26.56
N TYR A 452 11.13 26.32 -25.96
CA TYR A 452 11.52 24.91 -25.85
C TYR A 452 10.58 24.15 -24.93
N MET A 453 10.22 24.73 -23.78
CA MET A 453 9.34 24.04 -22.85
C MET A 453 7.97 23.76 -23.47
N GLU A 454 7.51 24.64 -24.35
CA GLU A 454 6.26 24.38 -25.06
C GLU A 454 6.46 23.28 -26.11
N ASN A 455 7.60 23.31 -26.81
CA ASN A 455 7.83 22.33 -27.86
C ASN A 455 8.08 20.94 -27.29
N ILE A 456 8.77 20.85 -26.14
CA ILE A 456 9.08 19.54 -25.58
C ILE A 456 7.83 18.90 -24.99
N VAL A 457 6.90 19.71 -24.48
CA VAL A 457 5.63 19.17 -24.01
C VAL A 457 4.81 18.64 -25.18
N GLN A 458 4.83 19.35 -26.30
CA GLN A 458 4.10 18.90 -27.48
C GLN A 458 4.75 17.66 -28.09
N GLU A 459 6.08 17.59 -28.08
CA GLU A 459 6.75 16.41 -28.61
C GLU A 459 6.48 15.19 -27.74
N ALA A 460 6.34 15.37 -26.43
CA ALA A 460 6.01 14.25 -25.57
C ALA A 460 4.59 13.73 -25.84
N LYS A 461 3.68 14.61 -26.25
CA LYS A 461 2.34 14.17 -26.61
C LYS A 461 2.36 13.33 -27.88
N GLN A 462 3.15 13.73 -28.87
CA GLN A 462 3.16 13.02 -30.14
C GLN A 462 3.90 11.69 -30.02
N LYS A 463 5.09 11.70 -29.41
CA LYS A 463 5.89 10.49 -29.33
C LYS A 463 5.47 9.60 -28.17
N GLY A 464 4.99 10.17 -27.07
CA GLY A 464 4.70 9.41 -25.87
C GLY A 464 5.86 9.32 -24.90
N TYR A 465 7.01 9.88 -25.24
CA TYR A 465 8.19 9.83 -24.38
C TYR A 465 9.07 11.03 -24.67
N VAL A 466 10.06 11.23 -23.80
CA VAL A 466 11.10 12.23 -24.02
C VAL A 466 12.45 11.52 -23.97
N THR A 467 13.47 12.21 -24.47
CA THR A 467 14.81 11.66 -24.56
C THR A 467 15.83 12.66 -24.04
N THR A 468 17.02 12.14 -23.72
CA THR A 468 18.16 12.95 -23.38
C THR A 468 19.11 13.02 -24.57
N LEU A 469 20.20 13.78 -24.41
CA LEU A 469 21.13 13.97 -25.51
C LEU A 469 21.77 12.65 -25.95
N LEU A 470 22.03 11.75 -25.00
CA LEU A 470 22.59 10.45 -25.32
C LEU A 470 21.52 9.38 -25.46
N HIS A 471 20.27 9.79 -25.70
CA HIS A 471 19.15 8.93 -26.10
C HIS A 471 18.58 8.10 -24.97
N ARG A 472 18.85 8.46 -23.72
CA ARG A 472 18.10 7.90 -22.60
C ARG A 472 16.64 8.28 -22.73
N ARG A 473 15.75 7.40 -22.27
CA ARG A 473 14.32 7.52 -22.56
C ARG A 473 13.50 7.43 -21.28
N ARG A 474 12.41 8.21 -21.23
CA ARG A 474 11.43 8.14 -20.16
C ARG A 474 10.04 8.34 -20.75
N TYR A 475 9.22 7.29 -20.67
CA TYR A 475 7.85 7.38 -21.18
C TYR A 475 6.96 8.17 -20.22
N LEU A 476 6.04 8.93 -20.80
CA LEU A 476 5.15 9.82 -20.05
C LEU A 476 3.73 9.67 -20.56
N PRO A 477 3.05 8.57 -20.21
CA PRO A 477 1.66 8.41 -20.66
C PRO A 477 0.70 9.40 -20.03
N ASP A 478 1.02 9.90 -18.84
CA ASP A 478 0.13 10.84 -18.15
C ASP A 478 0.06 12.21 -18.83
N ILE A 479 0.91 12.48 -19.81
CA ILE A 479 0.90 13.79 -20.47
C ILE A 479 -0.34 13.98 -21.33
N THR A 480 -1.08 12.90 -21.63
CA THR A 480 -2.37 12.99 -22.28
C THR A 480 -3.51 12.63 -21.33
N SER A 481 -3.28 12.71 -20.03
CA SER A 481 -4.31 12.37 -19.06
C SER A 481 -5.45 13.38 -19.09
N ARG A 482 -6.67 12.88 -18.86
CA ARG A 482 -7.83 13.74 -18.82
C ARG A 482 -7.84 14.63 -17.58
N ASN A 483 -7.09 14.26 -16.54
CA ASN A 483 -7.04 15.03 -15.30
C ASN A 483 -5.98 16.11 -15.40
N PHE A 484 -6.34 17.32 -14.97
CA PHE A 484 -5.43 18.46 -15.06
C PHE A 484 -4.20 18.26 -14.19
N ASN A 485 -4.41 17.83 -12.94
CA ASN A 485 -3.30 17.69 -12.00
C ASN A 485 -2.32 16.62 -12.46
N VAL A 486 -2.84 15.46 -12.90
CA VAL A 486 -1.98 14.38 -13.36
C VAL A 486 -1.21 14.79 -14.60
N ARG A 487 -1.89 15.44 -15.56
CA ARG A 487 -1.22 15.86 -16.78
C ARG A 487 -0.18 16.94 -16.51
N SER A 488 -0.42 17.80 -15.52
CA SER A 488 0.52 18.87 -15.23
C SER A 488 1.83 18.34 -14.66
N PHE A 489 1.75 17.31 -13.80
CA PHE A 489 2.97 16.69 -13.30
C PHE A 489 3.75 16.05 -14.43
N ALA A 490 3.06 15.41 -15.37
CA ALA A 490 3.75 14.82 -16.52
C ALA A 490 4.37 15.87 -17.42
N GLU A 491 3.74 17.04 -17.53
CA GLU A 491 4.29 18.11 -18.36
C GLU A 491 5.58 18.66 -17.77
N ARG A 492 5.62 18.82 -16.45
CA ARG A 492 6.85 19.28 -15.81
C ARG A 492 7.96 18.24 -15.91
N MET A 493 7.60 16.96 -15.93
CA MET A 493 8.60 15.92 -16.19
C MET A 493 9.17 16.06 -17.59
N ALA A 494 8.31 16.30 -18.58
CA ALA A 494 8.79 16.52 -19.94
C ALA A 494 9.74 17.71 -20.01
N MET A 495 9.55 18.70 -19.14
CA MET A 495 10.45 19.85 -19.11
C MET A 495 11.78 19.51 -18.43
N ASN A 496 11.75 18.61 -17.45
CA ASN A 496 12.89 18.40 -16.55
C ASN A 496 13.80 17.25 -16.96
N THR A 497 13.25 16.05 -17.22
CA THR A 497 14.12 14.90 -17.39
C THR A 497 15.06 15.00 -18.59
N PRO A 498 14.69 15.57 -19.74
CA PRO A 498 15.70 15.74 -20.79
C PRO A 498 16.88 16.59 -20.38
N ILE A 499 16.67 17.52 -19.44
CA ILE A 499 17.77 18.37 -19.00
C ILE A 499 18.54 17.71 -17.86
N GLN A 500 17.84 17.25 -16.82
CA GLN A 500 18.51 16.56 -15.74
C GLN A 500 19.12 15.24 -16.22
N GLY A 501 18.45 14.57 -17.15
CA GLY A 501 18.97 13.31 -17.67
C GLY A 501 20.19 13.50 -18.56
N SER A 502 20.21 14.57 -19.35
CA SER A 502 21.37 14.86 -20.17
C SER A 502 22.58 15.20 -19.30
N ALA A 503 22.37 15.90 -18.20
CA ALA A 503 23.46 16.16 -17.27
C ALA A 503 23.97 14.88 -16.62
N ALA A 504 23.08 13.91 -16.40
CA ALA A 504 23.52 12.61 -15.89
C ALA A 504 24.33 11.86 -16.94
N ASP A 505 23.93 11.93 -18.21
CA ASP A 505 24.70 11.30 -19.27
C ASP A 505 26.11 11.87 -19.35
N ILE A 506 26.23 13.19 -19.27
CA ILE A 506 27.51 13.85 -19.48
C ILE A 506 28.52 13.43 -18.42
N ILE A 507 28.12 13.47 -17.15
CA ILE A 507 29.05 13.10 -16.09
C ILE A 507 29.35 11.60 -16.13
N LYS A 508 28.40 10.79 -16.58
CA LYS A 508 28.66 9.36 -16.72
C LYS A 508 29.74 9.10 -17.77
N LYS A 509 29.73 9.87 -18.87
CA LYS A 509 30.82 9.75 -19.83
C LYS A 509 32.11 10.34 -19.27
N ALA A 510 32.01 11.41 -18.48
CA ALA A 510 33.19 12.00 -17.87
C ALA A 510 33.90 10.99 -16.96
N MET A 511 33.14 10.23 -16.18
CA MET A 511 33.75 9.21 -15.33
C MET A 511 34.47 8.15 -16.16
N ILE A 512 33.89 7.78 -17.30
CA ILE A 512 34.52 6.78 -18.16
C ILE A 512 35.79 7.32 -18.78
N ASP A 513 35.76 8.58 -19.25
CA ASP A 513 36.95 9.17 -19.84
C ASP A 513 38.02 9.44 -18.80
N LEU A 514 37.62 9.78 -17.58
CA LEU A 514 38.59 10.07 -16.52
C LEU A 514 39.41 8.83 -16.16
N ASN A 515 38.74 7.68 -16.00
CA ASN A 515 39.45 6.47 -15.62
C ASN A 515 40.42 6.01 -16.70
N ALA A 516 40.04 6.13 -17.97
CA ALA A 516 40.96 5.83 -19.05
C ALA A 516 42.15 6.78 -19.04
N ARG A 517 41.89 8.05 -18.75
CA ARG A 517 42.96 9.04 -18.66
C ARG A 517 43.88 8.76 -17.48
N LEU A 518 43.30 8.40 -16.33
CA LEU A 518 44.12 8.07 -15.16
C LEU A 518 45.00 6.86 -15.42
N LYS A 519 44.43 5.80 -16.01
CA LYS A 519 45.21 4.62 -16.36
C LYS A 519 46.29 4.96 -17.39
N GLU A 520 45.97 5.83 -18.34
CA GLU A 520 46.96 6.26 -19.34
C GLU A 520 48.15 6.93 -18.68
N GLU A 521 47.91 7.78 -17.67
CA GLU A 521 48.97 8.48 -16.98
C GLU A 521 49.60 7.66 -15.87
N ARG A 522 49.15 6.42 -15.67
CA ARG A 522 49.72 5.52 -14.65
C ARG A 522 49.63 6.15 -13.26
N LEU A 523 48.52 6.83 -12.97
CA LEU A 523 48.33 7.47 -11.69
C LEU A 523 47.61 6.55 -10.71
N GLN A 524 47.91 6.73 -9.42
CA GLN A 524 47.22 6.00 -8.37
C GLN A 524 45.87 6.61 -8.02
N ALA A 525 45.56 7.79 -8.53
CA ALA A 525 44.28 8.44 -8.27
C ALA A 525 43.13 7.54 -8.71
N HIS A 526 42.06 7.53 -7.93
CA HIS A 526 40.86 6.79 -8.30
C HIS A 526 39.64 7.50 -7.76
N LEU A 527 38.50 7.24 -8.40
CA LEU A 527 37.23 7.82 -7.98
C LEU A 527 36.77 7.20 -6.66
N LEU A 528 36.09 8.01 -5.85
CA LEU A 528 35.44 7.56 -4.64
C LEU A 528 33.93 7.70 -4.72
N LEU A 529 33.44 8.89 -5.05
CA LEU A 529 32.02 9.17 -5.02
C LEU A 529 31.60 9.95 -6.27
N GLN A 530 30.32 9.85 -6.60
CA GLN A 530 29.68 10.68 -7.61
C GLN A 530 28.44 11.28 -6.98
N VAL A 531 28.34 12.61 -6.99
CA VAL A 531 27.18 13.28 -6.42
C VAL A 531 26.51 14.11 -7.51
N HIS A 532 25.98 13.42 -8.53
CA HIS A 532 25.13 13.99 -9.57
C HIS A 532 25.89 14.88 -10.53
N ASP A 533 26.48 15.98 -10.03
CA ASP A 533 27.32 16.83 -10.86
C ASP A 533 28.69 17.04 -10.25
N GLU A 534 29.11 16.15 -9.34
CA GLU A 534 30.40 16.26 -8.67
C GLU A 534 31.11 14.92 -8.74
N LEU A 535 32.44 14.97 -8.88
CA LEU A 535 33.28 13.79 -8.80
C LEU A 535 34.29 14.00 -7.69
N ILE A 536 34.40 13.01 -6.80
CA ILE A 536 35.30 13.08 -5.65
C ILE A 536 36.31 11.95 -5.78
N LEU A 537 37.59 12.31 -5.75
CA LEU A 537 38.69 11.36 -5.89
C LEU A 537 39.61 11.46 -4.69
N GLU A 538 40.47 10.46 -4.56
CA GLU A 538 41.59 10.49 -3.62
C GLU A 538 42.85 10.06 -4.36
N ALA A 539 43.98 10.59 -3.95
CA ALA A 539 45.24 10.37 -4.64
C ALA A 539 46.38 10.80 -3.73
N PRO A 540 47.58 10.28 -3.95
CA PRO A 540 48.75 10.80 -3.23
C PRO A 540 48.92 12.29 -3.48
N LYS A 541 49.44 12.99 -2.48
CA LYS A 541 49.62 14.44 -2.62
C LYS A 541 50.56 14.77 -3.77
N GLU A 542 51.45 13.85 -4.13
CA GLU A 542 52.36 14.07 -5.27
C GLU A 542 51.63 14.14 -6.60
N GLU A 543 50.35 13.76 -6.64
CA GLU A 543 49.57 13.76 -7.87
C GLU A 543 48.59 14.92 -7.97
N MET A 544 48.48 15.74 -6.92
CA MET A 544 47.46 16.78 -6.89
C MET A 544 47.63 17.76 -8.05
N GLU A 545 48.88 18.18 -8.32
CA GLU A 545 49.09 19.19 -9.36
C GLU A 545 48.79 18.63 -10.75
N ARG A 546 49.08 17.35 -10.98
CA ARG A 546 48.69 16.73 -12.24
C ARG A 546 47.17 16.68 -12.38
N LEU A 547 46.46 16.48 -11.26
CA LEU A 547 45.01 16.33 -11.33
C LEU A 547 44.30 17.66 -11.52
N CYS A 548 44.92 18.77 -11.08
CA CYS A 548 44.32 20.09 -11.27
C CYS A 548 44.18 20.45 -12.74
N ARG A 549 44.99 19.85 -13.62
CA ARG A 549 44.85 20.06 -15.05
C ARG A 549 44.18 18.89 -15.77
N LEU A 550 44.17 17.71 -15.15
CA LEU A 550 43.63 16.52 -15.81
C LEU A 550 42.13 16.39 -15.61
N VAL A 551 41.67 16.44 -14.36
CA VAL A 551 40.26 16.20 -14.03
C VAL A 551 39.36 17.27 -14.64
N PRO A 552 39.62 18.57 -14.45
CA PRO A 552 38.72 19.57 -15.04
C PRO A 552 38.61 19.46 -16.55
N GLU A 553 39.74 19.25 -17.23
CA GLU A 553 39.73 19.17 -18.69
C GLU A 553 38.94 17.95 -19.17
N VAL A 554 39.06 16.82 -18.47
CA VAL A 554 38.33 15.62 -18.86
C VAL A 554 36.83 15.84 -18.73
N MET A 555 36.41 16.44 -17.61
CA MET A 555 34.98 16.69 -17.39
C MET A 555 34.45 17.73 -18.37
N GLU A 556 35.22 18.78 -18.64
CA GLU A 556 34.77 19.82 -19.55
C GLU A 556 34.69 19.33 -21.00
N GLN A 557 35.41 18.27 -21.34
CA GLN A 557 35.46 17.76 -22.71
C GLN A 557 34.67 16.47 -22.90
N ALA A 558 33.89 16.05 -21.90
CA ALA A 558 33.11 14.84 -22.04
C ALA A 558 32.19 14.90 -23.25
N VAL A 559 31.52 16.03 -23.45
CA VAL A 559 30.74 16.30 -24.65
C VAL A 559 31.07 17.71 -25.14
N THR A 560 30.64 18.01 -26.36
CA THR A 560 30.79 19.34 -26.94
C THR A 560 29.41 19.92 -27.19
N LEU A 561 29.12 21.04 -26.54
CA LEU A 561 27.84 21.73 -26.67
C LEU A 561 28.08 23.11 -27.27
N ARG A 562 26.97 23.78 -27.62
CA ARG A 562 27.04 25.12 -28.17
C ARG A 562 27.52 26.15 -27.15
N VAL A 563 27.60 25.77 -25.88
CA VAL A 563 28.22 26.61 -24.84
C VAL A 563 29.27 25.74 -24.15
N PRO A 564 30.32 26.32 -23.59
CA PRO A 564 31.31 25.51 -22.89
C PRO A 564 30.79 25.02 -21.56
N LEU A 565 31.43 23.97 -21.06
CA LEU A 565 31.17 23.44 -19.72
C LEU A 565 32.29 23.91 -18.80
N LYS A 566 31.93 24.41 -17.62
CA LYS A 566 32.90 24.88 -16.65
C LYS A 566 32.89 23.98 -15.42
N VAL A 567 34.09 23.67 -14.94
CA VAL A 567 34.28 22.76 -13.81
C VAL A 567 35.10 23.49 -12.75
N ASP A 568 34.57 23.53 -11.53
CA ASP A 568 35.29 24.03 -10.36
C ASP A 568 35.92 22.85 -9.62
N TYR A 569 37.06 23.10 -8.99
CA TYR A 569 37.80 22.02 -8.35
C TYR A 569 38.62 22.54 -7.18
N HIS A 570 38.58 21.79 -6.08
CA HIS A 570 39.41 22.07 -4.90
C HIS A 570 39.90 20.75 -4.34
N TYR A 571 40.97 20.82 -3.55
CA TYR A 571 41.48 19.65 -2.84
C TYR A 571 41.92 20.05 -1.45
N GLY A 572 41.97 19.06 -0.56
CA GLY A 572 42.33 19.32 0.82
C GLY A 572 42.47 18.03 1.60
N SER A 573 42.63 18.18 2.91
CA SER A 573 42.88 17.04 3.78
C SER A 573 41.63 16.23 4.08
N THR A 574 40.44 16.80 3.92
CA THR A 574 39.18 16.08 4.10
C THR A 574 38.23 16.45 2.98
N TRP A 575 37.05 15.83 2.98
CA TRP A 575 36.01 16.22 2.05
C TRP A 575 35.53 17.64 2.33
N TYR A 576 35.46 18.00 3.61
CA TYR A 576 35.15 19.37 4.01
C TYR A 576 36.12 20.36 3.35
N ASP A 577 37.41 20.07 3.42
CA ASP A 577 38.44 20.97 2.90
C ASP A 577 38.50 20.99 1.38
N ALA A 578 37.87 20.04 0.70
CA ALA A 578 37.91 19.98 -0.77
C ALA A 578 36.88 20.89 -1.43
N LYS A 579 36.68 22.09 -0.90
CA LYS A 579 35.77 23.06 -1.50
C LYS A 579 36.38 24.46 -1.48
N LYS D 1 -20.95 22.75 -19.81
CA LYS D 1 -21.48 21.63 -20.57
C LYS D 1 -22.55 20.89 -19.77
N MET D 2 -22.47 21.00 -18.45
CA MET D 2 -23.44 20.42 -17.52
C MET D 2 -24.30 21.56 -16.99
N ALA D 3 -25.41 21.82 -17.65
CA ALA D 3 -26.30 22.93 -17.29
C ALA D 3 -27.26 22.51 -16.20
N PHE D 4 -27.39 23.34 -15.17
CA PHE D 4 -28.28 23.04 -14.05
C PHE D 4 -28.65 24.36 -13.37
N THR D 5 -29.69 24.28 -12.54
CA THR D 5 -30.24 25.46 -11.88
C THR D 5 -30.06 25.32 -10.38
N LEU D 6 -29.25 26.20 -9.79
CA LEU D 6 -29.09 26.27 -8.34
C LEU D 6 -30.33 26.96 -7.78
N ALA D 7 -31.34 26.16 -7.47
CA ALA D 7 -32.65 26.68 -7.11
C ALA D 7 -32.65 27.18 -5.67
N ASP D 8 -33.05 28.44 -5.49
CA ASP D 8 -33.27 29.00 -4.17
C ASP D 8 -34.60 28.55 -3.57
N ARG D 9 -35.47 27.96 -4.38
CA ARG D 9 -36.79 27.52 -3.94
C ARG D 9 -37.20 26.31 -4.78
N VAL D 10 -38.04 25.48 -4.20
CA VAL D 10 -38.53 24.27 -4.87
C VAL D 10 -39.72 24.63 -5.75
N THR D 11 -39.73 24.10 -6.96
CA THR D 11 -40.82 24.32 -7.90
C THR D 11 -41.45 22.98 -8.27
N GLU D 12 -42.65 23.06 -8.87
CA GLU D 12 -43.31 21.86 -9.37
C GLU D 12 -42.52 21.19 -10.48
N GLU D 13 -41.64 21.93 -11.15
CA GLU D 13 -40.81 21.38 -12.20
C GLU D 13 -39.87 20.29 -11.69
N MET D 14 -39.60 20.25 -10.39
CA MET D 14 -38.68 19.26 -9.83
C MET D 14 -39.37 18.03 -9.30
N LEU D 15 -40.63 18.15 -8.87
CA LEU D 15 -41.38 17.04 -8.29
C LEU D 15 -41.95 16.09 -9.34
N ALA D 16 -41.16 15.75 -10.35
CA ALA D 16 -41.63 14.88 -11.42
C ALA D 16 -41.88 13.46 -10.91
N ASP D 17 -42.60 12.68 -11.71
CA ASP D 17 -43.00 11.33 -11.32
C ASP D 17 -41.83 10.35 -11.27
N LYS D 18 -40.69 10.68 -11.88
CA LYS D 18 -39.52 9.83 -11.81
C LYS D 18 -38.28 10.68 -12.01
N ALA D 19 -37.33 10.58 -11.07
CA ALA D 19 -36.15 11.41 -11.11
C ALA D 19 -34.97 10.67 -10.51
N ALA D 20 -33.77 11.20 -10.77
CA ALA D 20 -32.56 10.73 -10.11
C ALA D 20 -32.30 11.62 -8.90
N LEU D 21 -32.36 11.03 -7.71
CA LEU D 21 -32.23 11.78 -6.46
C LEU D 21 -30.85 11.56 -5.86
N VAL D 22 -30.26 12.64 -5.36
CA VAL D 22 -28.98 12.60 -4.65
C VAL D 22 -29.16 13.39 -3.36
N VAL D 23 -29.11 12.69 -2.23
CA VAL D 23 -29.13 13.33 -0.91
C VAL D 23 -27.77 13.12 -0.27
N GLU D 24 -26.87 14.07 -0.46
CA GLU D 24 -25.46 13.85 -0.16
C GLU D 24 -25.21 13.82 1.34
N VAL D 25 -24.64 12.72 1.82
CA VAL D 25 -24.17 12.59 3.19
C VAL D 25 -22.69 12.24 3.11
N VAL D 26 -21.83 13.21 3.46
CA VAL D 26 -20.40 13.05 3.22
C VAL D 26 -19.75 12.22 4.31
N GLU D 27 -20.19 12.37 5.55
CA GLU D 27 -19.61 11.61 6.66
C GLU D 27 -19.82 10.11 6.46
N GLU D 28 -18.78 9.34 6.76
CA GLU D 28 -18.83 7.89 6.57
C GLU D 28 -19.98 7.27 7.36
N ASN D 29 -19.98 7.47 8.67
CA ASN D 29 -21.10 7.05 9.51
C ASN D 29 -22.22 8.07 9.35
N TYR D 30 -23.29 7.67 8.64
CA TYR D 30 -24.36 8.59 8.28
C TYR D 30 -25.43 8.73 9.36
N HIS D 31 -25.27 8.08 10.51
CA HIS D 31 -26.24 8.23 11.59
C HIS D 31 -26.15 9.63 12.18
N ASP D 32 -27.27 10.37 12.13
CA ASP D 32 -27.35 11.74 12.65
C ASP D 32 -26.32 12.64 11.99
N ALA D 33 -25.99 12.36 10.72
CA ALA D 33 -25.00 13.10 9.97
C ALA D 33 -25.65 14.23 9.18
N PRO D 34 -24.92 15.31 8.91
CA PRO D 34 -25.52 16.43 8.18
C PRO D 34 -25.71 16.11 6.70
N ILE D 35 -26.79 16.63 6.14
CA ILE D 35 -27.04 16.55 4.70
C ILE D 35 -26.51 17.83 4.07
N VAL D 36 -25.53 17.69 3.18
CA VAL D 36 -24.79 18.84 2.67
C VAL D 36 -25.35 19.37 1.35
N GLY D 37 -26.22 18.63 0.68
CA GLY D 37 -26.76 19.09 -0.59
C GLY D 37 -27.70 18.06 -1.18
N ILE D 38 -28.54 18.54 -2.09
CA ILE D 38 -29.53 17.72 -2.76
C ILE D 38 -29.50 18.03 -4.25
N ALA D 39 -29.62 16.99 -5.08
CA ALA D 39 -29.67 17.13 -6.53
C ALA D 39 -30.83 16.33 -7.09
N VAL D 40 -31.45 16.86 -8.13
CA VAL D 40 -32.58 16.22 -8.80
C VAL D 40 -32.38 16.33 -10.31
N VAL D 41 -32.53 15.19 -11.01
CA VAL D 41 -32.48 15.14 -12.46
C VAL D 41 -33.70 14.37 -12.94
N ASN D 42 -34.52 14.99 -13.76
CA ASN D 42 -35.76 14.37 -14.23
C ASN D 42 -35.97 14.77 -15.68
N GLU D 43 -37.23 14.67 -16.15
CA GLU D 43 -37.52 14.97 -17.54
C GLU D 43 -37.28 16.44 -17.87
N HIS D 44 -37.49 17.33 -16.91
CA HIS D 44 -37.54 18.76 -17.19
C HIS D 44 -36.18 19.44 -17.08
N GLY D 45 -35.27 18.91 -16.30
CA GLY D 45 -33.95 19.51 -16.19
C GLY D 45 -33.22 19.00 -14.96
N ARG D 46 -32.08 19.64 -14.70
CA ARG D 46 -31.20 19.30 -13.60
C ARG D 46 -31.21 20.44 -12.59
N PHE D 47 -31.44 20.11 -11.32
CA PHE D 47 -31.64 21.12 -10.28
C PHE D 47 -30.79 20.79 -9.06
N PHE D 48 -30.27 21.84 -8.43
CA PHE D 48 -29.60 21.73 -7.14
C PHE D 48 -30.40 22.46 -6.08
N LEU D 49 -30.61 21.81 -4.94
CA LEU D 49 -31.39 22.36 -3.85
C LEU D 49 -30.55 22.36 -2.58
N ARG D 50 -30.57 23.48 -1.86
CA ARG D 50 -29.92 23.53 -0.56
C ARG D 50 -30.76 22.74 0.45
N PRO D 51 -30.12 22.02 1.37
CA PRO D 51 -30.90 21.15 2.27
C PRO D 51 -31.80 21.92 3.23
N GLU D 52 -31.31 23.00 3.83
CA GLU D 52 -32.10 23.71 4.84
C GLU D 52 -33.32 24.38 4.23
N THR D 53 -33.27 24.72 2.94
CA THR D 53 -34.42 25.31 2.27
C THR D 53 -35.34 24.28 1.64
N ALA D 54 -34.79 23.15 1.18
CA ALA D 54 -35.63 22.17 0.52
C ALA D 54 -36.25 21.19 1.52
N LEU D 55 -35.48 20.75 2.51
CA LEU D 55 -36.00 19.79 3.48
C LEU D 55 -37.04 20.39 4.42
N ALA D 56 -37.08 21.71 4.53
CA ALA D 56 -38.14 22.39 5.28
C ALA D 56 -39.38 22.61 4.43
N ASP D 57 -39.23 22.69 3.11
CA ASP D 57 -40.36 22.87 2.21
C ASP D 57 -41.29 21.67 2.31
N PRO D 58 -42.56 21.85 2.68
CA PRO D 58 -43.44 20.68 2.86
C PRO D 58 -43.77 19.96 1.56
N GLN D 59 -43.75 20.67 0.42
CA GLN D 59 -43.98 19.99 -0.85
C GLN D 59 -42.84 19.03 -1.19
N PHE D 60 -41.61 19.41 -0.86
CA PHE D 60 -40.47 18.53 -1.13
C PHE D 60 -40.49 17.32 -0.21
N VAL D 61 -40.82 17.52 1.06
CA VAL D 61 -40.95 16.40 1.98
C VAL D 61 -42.06 15.46 1.52
N ALA D 62 -43.14 16.01 0.98
CA ALA D 62 -44.22 15.19 0.45
C ALA D 62 -43.74 14.36 -0.73
N TRP D 63 -42.99 14.98 -1.64
CA TRP D 63 -42.46 14.26 -2.79
C TRP D 63 -41.45 13.21 -2.37
N LEU D 64 -40.68 13.47 -1.32
CA LEU D 64 -39.72 12.48 -0.82
C LEU D 64 -40.43 11.25 -0.27
N GLY D 65 -41.42 11.45 0.59
CA GLY D 65 -42.16 10.36 1.16
C GLY D 65 -43.21 9.74 0.27
N ASP D 66 -43.35 10.22 -0.96
CA ASP D 66 -44.36 9.71 -1.88
C ASP D 66 -43.85 8.43 -2.52
N GLU D 67 -44.49 7.31 -2.22
CA GLU D 67 -44.13 6.03 -2.82
C GLU D 67 -44.34 6.03 -4.33
N THR D 68 -45.34 6.79 -4.80
CA THR D 68 -45.65 6.80 -6.23
C THR D 68 -44.61 7.56 -7.05
N LYS D 69 -43.88 8.49 -6.44
CA LYS D 69 -42.83 9.22 -7.13
C LYS D 69 -41.54 8.41 -7.06
N LYS D 70 -41.06 7.97 -8.22
CA LYS D 70 -39.93 7.03 -8.28
C LYS D 70 -38.61 7.77 -8.33
N LYS D 71 -37.62 7.25 -7.58
CA LYS D 71 -36.30 7.84 -7.51
C LYS D 71 -35.24 6.81 -7.88
N SER D 72 -34.22 7.27 -8.60
CA SER D 72 -33.03 6.48 -8.90
C SER D 72 -31.87 7.09 -8.15
N MET D 73 -31.29 6.32 -7.23
CA MET D 73 -30.27 6.84 -6.33
C MET D 73 -29.06 5.91 -6.32
N PHE D 74 -28.01 6.38 -5.65
CA PHE D 74 -26.83 5.57 -5.33
C PHE D 74 -26.72 5.52 -3.81
N ASP D 75 -26.66 4.31 -3.26
CA ASP D 75 -26.64 4.09 -1.81
C ASP D 75 -27.89 4.67 -1.16
N SER D 76 -29.02 4.05 -1.50
CA SER D 76 -30.32 4.55 -1.06
C SER D 76 -30.47 4.49 0.45
N LYS D 77 -29.93 3.44 1.08
CA LYS D 77 -30.04 3.31 2.53
C LYS D 77 -29.33 4.45 3.26
N ARG D 78 -28.27 4.99 2.65
CA ARG D 78 -27.56 6.11 3.26
C ARG D 78 -28.48 7.33 3.40
N ALA D 79 -29.20 7.67 2.32
CA ALA D 79 -30.10 8.81 2.35
C ALA D 79 -31.29 8.55 3.27
N ALA D 80 -31.85 7.34 3.23
CA ALA D 80 -33.06 7.05 3.99
C ALA D 80 -32.80 7.18 5.49
N VAL D 81 -31.65 6.69 5.97
CA VAL D 81 -31.36 6.75 7.40
C VAL D 81 -31.03 8.17 7.83
N ALA D 82 -30.17 8.85 7.05
CA ALA D 82 -29.83 10.22 7.37
C ALA D 82 -31.03 11.15 7.28
N LEU D 83 -32.05 10.77 6.50
CA LEU D 83 -33.30 11.53 6.49
C LEU D 83 -34.14 11.23 7.72
N LYS D 84 -34.11 9.99 8.20
CA LYS D 84 -34.88 9.64 9.39
C LYS D 84 -34.36 10.39 10.61
N TRP D 85 -33.04 10.55 10.72
CA TRP D 85 -32.48 11.37 11.78
C TRP D 85 -32.87 12.84 11.65
N LYS D 86 -33.29 13.26 10.45
CA LYS D 86 -33.89 14.57 10.26
C LYS D 86 -35.41 14.53 10.24
N GLY D 87 -36.00 13.37 10.59
CA GLY D 87 -37.44 13.26 10.67
C GLY D 87 -38.10 12.82 9.38
N ILE D 88 -37.57 13.30 8.25
CA ILE D 88 -38.19 13.06 6.95
C ILE D 88 -38.07 11.59 6.58
N GLU D 89 -39.09 11.09 5.89
CA GLU D 89 -39.12 9.72 5.41
C GLU D 89 -38.97 9.69 3.90
N LEU D 90 -38.22 8.70 3.40
CA LEU D 90 -37.91 8.55 1.99
C LEU D 90 -38.58 7.31 1.44
N CYS D 91 -39.34 7.46 0.35
CA CYS D 91 -40.03 6.36 -0.29
C CYS D 91 -39.90 6.48 -1.80
N GLY D 92 -40.13 5.36 -2.48
CA GLY D 92 -40.19 5.36 -3.93
C GLY D 92 -38.87 5.17 -4.64
N VAL D 93 -37.84 4.68 -3.96
CA VAL D 93 -36.56 4.43 -4.61
C VAL D 93 -36.70 3.20 -5.48
N SER D 94 -36.71 3.38 -6.81
CA SER D 94 -36.92 2.28 -7.73
C SER D 94 -35.63 1.64 -8.21
N PHE D 95 -34.53 2.38 -8.22
CA PHE D 95 -33.25 1.87 -8.70
C PHE D 95 -32.12 2.37 -7.82
N ASP D 96 -31.25 1.45 -7.42
CA ASP D 96 -30.08 1.77 -6.60
C ASP D 96 -28.83 1.38 -7.39
N LEU D 97 -28.08 2.37 -7.86
CA LEU D 97 -26.89 2.09 -8.66
C LEU D 97 -25.84 1.34 -7.85
N LEU D 98 -25.77 1.57 -6.54
CA LEU D 98 -24.80 0.86 -5.71
C LEU D 98 -25.10 -0.63 -5.68
N LEU D 99 -26.36 -0.99 -5.41
CA LEU D 99 -26.72 -2.41 -5.36
C LEU D 99 -26.70 -3.05 -6.74
N ALA D 100 -26.96 -2.27 -7.78
CA ALA D 100 -26.88 -2.81 -9.14
C ALA D 100 -25.44 -3.15 -9.50
N ALA D 101 -24.51 -2.24 -9.22
CA ALA D 101 -23.10 -2.52 -9.50
C ALA D 101 -22.56 -3.63 -8.62
N TYR D 102 -23.13 -3.80 -7.42
CA TYR D 102 -22.64 -4.84 -6.52
C TYR D 102 -23.02 -6.23 -7.02
N LEU D 103 -24.24 -6.38 -7.54
CA LEU D 103 -24.66 -7.67 -8.08
C LEU D 103 -23.91 -8.00 -9.36
N LEU D 104 -23.61 -6.99 -10.18
CA LEU D 104 -22.90 -7.24 -11.44
C LEU D 104 -21.50 -7.78 -11.20
N ASP D 105 -20.78 -7.20 -10.24
CA ASP D 105 -19.44 -7.68 -9.90
C ASP D 105 -19.02 -7.13 -8.55
N PRO D 106 -19.10 -7.93 -7.47
CA PRO D 106 -18.66 -7.43 -6.16
C PRO D 106 -17.16 -7.14 -6.09
N ALA D 107 -16.36 -7.71 -6.99
CA ALA D 107 -14.91 -7.52 -6.95
C ALA D 107 -14.48 -6.11 -7.34
N GLN D 108 -15.37 -5.30 -7.92
CA GLN D 108 -15.00 -3.95 -8.32
C GLN D 108 -14.96 -2.98 -7.16
N GLY D 109 -15.49 -3.34 -6.00
CA GLY D 109 -15.44 -2.47 -4.83
C GLY D 109 -16.05 -1.10 -5.05
N VAL D 110 -17.17 -1.04 -5.77
CA VAL D 110 -17.77 0.24 -6.13
C VAL D 110 -18.34 0.88 -4.88
N ASP D 111 -17.88 2.10 -4.57
CA ASP D 111 -18.35 2.84 -3.41
C ASP D 111 -18.83 4.25 -3.72
N ASP D 112 -18.63 4.76 -4.93
CA ASP D 112 -19.22 6.03 -5.35
C ASP D 112 -19.74 5.88 -6.77
N VAL D 113 -20.39 6.93 -7.27
CA VAL D 113 -21.02 6.87 -8.60
C VAL D 113 -19.95 6.77 -9.68
N ALA D 114 -18.83 7.46 -9.51
CA ALA D 114 -17.78 7.41 -10.52
C ALA D 114 -17.22 6.00 -10.68
N ALA D 115 -17.13 5.25 -9.58
CA ALA D 115 -16.68 3.85 -9.67
C ALA D 115 -17.68 2.99 -10.41
N ALA D 116 -18.97 3.29 -10.28
CA ALA D 116 -19.98 2.55 -11.05
C ALA D 116 -20.06 3.06 -12.48
N ALA D 117 -19.74 4.34 -12.71
CA ALA D 117 -19.83 4.91 -14.06
C ALA D 117 -18.77 4.31 -14.98
N LYS D 118 -17.60 3.98 -14.46
CA LYS D 118 -16.55 3.40 -15.30
C LYS D 118 -16.85 1.96 -15.71
N MET D 119 -17.85 1.33 -15.10
CA MET D 119 -18.31 0.02 -15.58
C MET D 119 -18.93 0.12 -16.96
N LYS D 120 -19.49 1.28 -17.31
CA LYS D 120 -20.09 1.50 -18.62
C LYS D 120 -19.41 2.65 -19.36
N GLN D 121 -18.17 2.96 -18.99
CA GLN D 121 -17.35 3.97 -19.67
C GLN D 121 -17.95 5.36 -19.59
N TYR D 122 -18.72 5.63 -18.53
CA TYR D 122 -19.26 6.96 -18.28
C TYR D 122 -18.21 7.78 -17.53
N GLU D 123 -17.82 8.92 -18.12
CA GLU D 123 -16.72 9.72 -17.60
C GLU D 123 -17.14 11.11 -17.15
N ALA D 124 -18.41 11.48 -17.31
CA ALA D 124 -18.88 12.82 -16.97
C ALA D 124 -19.23 12.97 -15.49
N VAL D 125 -18.40 12.45 -14.59
CA VAL D 125 -18.62 12.57 -13.15
C VAL D 125 -17.32 12.32 -12.42
N ARG D 126 -16.99 13.19 -11.47
CA ARG D 126 -15.77 13.07 -10.70
C ARG D 126 -15.92 12.04 -9.59
N PRO D 127 -14.82 11.47 -9.10
CA PRO D 127 -14.90 10.64 -7.90
C PRO D 127 -15.12 11.49 -6.66
N ASP D 128 -15.75 10.87 -5.65
CA ASP D 128 -16.07 11.60 -4.43
C ASP D 128 -14.83 12.08 -3.69
N GLU D 129 -13.74 11.30 -3.74
CA GLU D 129 -12.52 11.71 -3.05
C GLU D 129 -11.92 12.97 -3.67
N ALA D 130 -11.95 13.07 -5.00
CA ALA D 130 -11.38 14.24 -5.67
C ALA D 130 -12.13 15.51 -5.30
N VAL D 131 -13.44 15.41 -5.08
CA VAL D 131 -14.22 16.60 -4.77
C VAL D 131 -14.03 17.01 -3.31
N TYR D 132 -14.17 16.06 -2.39
CA TYR D 132 -14.15 16.37 -0.97
C TYR D 132 -12.76 16.29 -0.34
N GLY D 133 -11.91 15.40 -0.81
CA GLY D 133 -10.60 15.20 -0.22
C GLY D 133 -10.57 13.98 0.68
N LYS D 134 -9.41 13.76 1.30
CA LYS D 134 -9.23 12.60 2.16
C LYS D 134 -8.46 13.01 3.41
N GLY D 135 -8.80 12.36 4.53
CA GLY D 135 -8.09 12.60 5.77
C GLY D 135 -8.57 13.85 6.48
N ALA D 136 -7.65 14.51 7.17
CA ALA D 136 -7.96 15.76 7.86
C ALA D 136 -8.14 16.93 6.91
N LYS D 137 -7.97 16.73 5.61
CA LYS D 137 -8.14 17.79 4.62
C LYS D 137 -9.45 17.68 3.85
N ARG D 138 -10.34 16.77 4.24
CA ARG D 138 -11.61 16.62 3.55
C ARG D 138 -12.63 17.60 4.08
N ALA D 139 -13.38 18.22 3.16
CA ALA D 139 -14.37 19.21 3.50
C ALA D 139 -15.28 19.43 2.30
N VAL D 140 -16.45 20.00 2.57
CA VAL D 140 -17.38 20.32 1.48
C VAL D 140 -16.82 21.48 0.66
N PRO D 141 -16.77 21.38 -0.66
CA PRO D 141 -16.25 22.49 -1.47
C PRO D 141 -17.21 23.66 -1.50
N ASP D 142 -16.81 24.75 -2.16
CA ASP D 142 -17.71 25.88 -2.32
C ASP D 142 -18.95 25.45 -3.09
N GLU D 143 -20.08 26.07 -2.76
CA GLU D 143 -21.38 25.63 -3.28
C GLU D 143 -21.42 25.42 -4.79
N PRO D 144 -20.89 26.31 -5.63
CA PRO D 144 -20.89 26.03 -7.07
C PRO D 144 -20.10 24.78 -7.45
N VAL D 145 -19.14 24.36 -6.63
CA VAL D 145 -18.42 23.12 -6.90
C VAL D 145 -19.20 21.93 -6.37
N LEU D 146 -19.75 22.04 -5.16
CA LEU D 146 -20.58 20.97 -4.62
C LEU D 146 -21.83 20.75 -5.47
N ALA D 147 -22.43 21.85 -5.96
CA ALA D 147 -23.66 21.72 -6.73
C ALA D 147 -23.44 20.94 -8.01
N GLU D 148 -22.44 21.33 -8.81
CA GLU D 148 -22.17 20.60 -10.05
C GLU D 148 -21.81 19.16 -9.79
N HIS D 149 -21.12 18.88 -8.68
CA HIS D 149 -20.74 17.50 -8.37
C HIS D 149 -21.96 16.63 -8.14
N LEU D 150 -22.92 17.13 -7.34
CA LEU D 150 -24.13 16.35 -7.06
C LEU D 150 -24.98 16.19 -8.31
N VAL D 151 -25.04 17.22 -9.16
CA VAL D 151 -25.83 17.13 -10.38
C VAL D 151 -25.21 16.11 -11.34
N ARG D 152 -23.89 16.18 -11.51
CA ARG D 152 -23.21 15.21 -12.39
C ARG D 152 -23.38 13.79 -11.88
N LYS D 153 -23.51 13.61 -10.56
CA LYS D 153 -23.79 12.28 -10.02
C LYS D 153 -25.24 11.88 -10.30
N ALA D 154 -26.18 12.81 -10.11
CA ALA D 154 -27.57 12.52 -10.44
C ALA D 154 -27.74 12.31 -11.95
N ALA D 155 -27.05 13.12 -12.76
CA ALA D 155 -27.11 12.93 -14.20
C ALA D 155 -26.51 11.59 -14.60
N ALA D 156 -25.44 11.17 -13.92
CA ALA D 156 -24.87 9.86 -14.19
C ALA D 156 -25.86 8.75 -13.86
N ILE D 157 -26.46 8.81 -12.67
CA ILE D 157 -27.48 7.83 -12.29
C ILE D 157 -28.62 7.84 -13.30
N TRP D 158 -28.95 9.01 -13.84
CA TRP D 158 -30.02 9.09 -14.83
C TRP D 158 -29.66 8.35 -16.11
N GLU D 159 -28.40 8.46 -16.55
CA GLU D 159 -27.96 7.82 -17.78
C GLU D 159 -27.48 6.38 -17.59
N LEU D 160 -27.22 5.97 -16.35
CA LEU D 160 -26.71 4.63 -16.09
C LEU D 160 -27.78 3.63 -15.68
N GLU D 161 -29.02 4.07 -15.47
CA GLU D 161 -30.06 3.17 -14.99
C GLU D 161 -30.33 2.05 -15.99
N ARG D 162 -30.73 2.42 -17.21
CA ARG D 162 -31.06 1.40 -18.20
C ARG D 162 -29.88 0.52 -18.59
N PRO D 163 -28.67 1.04 -18.85
CA PRO D 163 -27.55 0.12 -19.16
C PRO D 163 -27.27 -0.86 -18.04
N PHE D 164 -27.37 -0.42 -16.78
CA PHE D 164 -27.18 -1.34 -15.67
C PHE D 164 -28.35 -2.33 -15.58
N LEU D 165 -29.58 -1.82 -15.65
CA LEU D 165 -30.75 -2.71 -15.62
C LEU D 165 -30.72 -3.70 -16.76
N ASP D 166 -30.16 -3.32 -17.91
CA ASP D 166 -30.09 -4.23 -19.04
C ASP D 166 -29.13 -5.38 -18.76
N GLU D 167 -27.93 -5.08 -18.25
CA GLU D 167 -26.98 -6.15 -17.95
C GLU D 167 -27.44 -7.00 -16.77
N LEU D 168 -28.20 -6.41 -15.84
CA LEU D 168 -28.78 -7.21 -14.77
C LEU D 168 -29.73 -8.27 -15.32
N ARG D 169 -30.56 -7.89 -16.29
CA ARG D 169 -31.52 -8.83 -16.86
C ARG D 169 -30.80 -9.95 -17.60
N ARG D 170 -29.76 -9.63 -18.36
CA ARG D 170 -29.04 -10.66 -19.11
C ARG D 170 -28.34 -11.65 -18.20
N ASN D 171 -28.09 -11.30 -16.94
CA ASN D 171 -27.47 -12.19 -15.97
C ASN D 171 -28.49 -12.85 -15.05
N GLU D 172 -29.79 -12.73 -15.35
CA GLU D 172 -30.86 -13.25 -14.49
C GLU D 172 -30.79 -12.65 -13.08
N GLN D 173 -30.29 -11.43 -12.96
CA GLN D 173 -30.14 -10.77 -11.67
C GLN D 173 -31.07 -9.59 -11.49
N ASP D 174 -31.94 -9.30 -12.47
CA ASP D 174 -32.84 -8.15 -12.35
C ASP D 174 -33.80 -8.33 -11.18
N ARG D 175 -34.32 -9.54 -11.00
CA ARG D 175 -35.18 -9.80 -9.85
C ARG D 175 -34.37 -9.82 -8.55
N LEU D 176 -33.11 -10.25 -8.63
CA LEU D 176 -32.24 -10.25 -7.45
C LEU D 176 -32.06 -8.83 -6.92
N LEU D 177 -32.11 -7.83 -7.79
CA LEU D 177 -31.99 -6.43 -7.39
C LEU D 177 -33.32 -5.84 -6.94
N VAL D 178 -34.35 -5.91 -7.79
CA VAL D 178 -35.59 -5.20 -7.55
C VAL D 178 -36.42 -5.89 -6.47
N GLU D 179 -36.35 -7.21 -6.36
CA GLU D 179 -37.22 -7.96 -5.46
C GLU D 179 -36.49 -8.52 -4.24
N LEU D 180 -35.17 -8.35 -4.14
CA LEU D 180 -34.43 -8.83 -2.97
C LEU D 180 -33.63 -7.71 -2.33
N GLU D 181 -32.59 -7.20 -2.99
CA GLU D 181 -31.66 -6.27 -2.34
C GLU D 181 -32.32 -4.94 -2.04
N GLN D 182 -33.03 -4.37 -3.00
CA GLN D 182 -33.63 -3.05 -2.82
C GLN D 182 -34.73 -3.04 -1.75
N PRO D 183 -35.64 -4.02 -1.72
CA PRO D 183 -36.57 -4.06 -0.56
C PRO D 183 -35.87 -4.39 0.75
N LEU D 184 -34.77 -5.15 0.70
CA LEU D 184 -33.99 -5.40 1.92
C LEU D 184 -33.30 -4.13 2.40
N SER D 185 -32.87 -3.27 1.47
CA SER D 185 -32.18 -2.04 1.86
C SER D 185 -33.06 -1.18 2.77
N SER D 186 -34.35 -1.09 2.47
CA SER D 186 -35.26 -0.33 3.33
C SER D 186 -35.42 -1.00 4.68
N ILE D 187 -35.42 -2.34 4.72
CA ILE D 187 -35.53 -3.06 5.98
C ILE D 187 -34.29 -2.83 6.83
N LEU D 188 -33.10 -2.90 6.21
CA LEU D 188 -31.88 -2.60 6.94
C LEU D 188 -31.85 -1.16 7.42
N ALA D 189 -32.49 -0.25 6.67
CA ALA D 189 -32.51 1.16 7.07
C ALA D 189 -33.28 1.37 8.37
N GLU D 190 -34.45 0.74 8.50
CA GLU D 190 -35.23 0.91 9.72
C GLU D 190 -34.60 0.17 10.90
N MET D 191 -33.87 -0.91 10.64
CA MET D 191 -33.16 -1.59 11.71
C MET D 191 -32.03 -0.72 12.26
N GLU D 192 -31.25 -0.10 11.37
CA GLU D 192 -30.16 0.77 11.81
C GLU D 192 -30.69 1.96 12.58
N PHE D 193 -31.78 2.58 12.10
CA PHE D 193 -32.33 3.73 12.78
C PHE D 193 -32.95 3.36 14.12
N ALA D 194 -33.50 2.14 14.24
CA ALA D 194 -34.07 1.72 15.52
C ALA D 194 -32.97 1.53 16.56
N GLY D 195 -31.87 0.89 16.18
CA GLY D 195 -30.77 0.65 17.10
C GLY D 195 -31.13 -0.41 18.13
N VAL D 196 -30.13 -0.69 18.98
CA VAL D 196 -30.28 -1.65 20.08
C VAL D 196 -29.84 -0.95 21.36
N LYS D 197 -30.70 -0.95 22.37
CA LYS D 197 -30.35 -0.34 23.64
C LYS D 197 -29.39 -1.24 24.40
N VAL D 198 -28.45 -0.62 25.12
CA VAL D 198 -27.41 -1.34 25.83
C VAL D 198 -27.38 -0.92 27.29
N ASP D 199 -27.04 -1.86 28.15
CA ASP D 199 -26.93 -1.63 29.59
C ASP D 199 -25.54 -1.08 29.89
N THR D 200 -25.40 0.25 29.79
CA THR D 200 -24.11 0.87 30.00
C THR D 200 -23.65 0.76 31.45
N LYS D 201 -24.58 0.75 32.39
CA LYS D 201 -24.23 0.60 33.80
C LYS D 201 -23.56 -0.75 34.04
N ARG D 202 -24.16 -1.83 33.50
CA ARG D 202 -23.55 -3.14 33.64
C ARG D 202 -22.27 -3.25 32.82
N LEU D 203 -22.23 -2.58 31.67
CA LEU D 203 -21.04 -2.61 30.82
C LEU D 203 -19.87 -1.91 31.49
N GLU D 204 -20.12 -0.73 32.06
CA GLU D 204 -19.06 0.00 32.74
C GLU D 204 -18.57 -0.71 33.99
N GLN D 205 -19.45 -1.47 34.65
CA GLN D 205 -19.03 -2.25 35.81
C GLN D 205 -18.13 -3.42 35.38
N MET D 206 -18.43 -4.02 34.23
CA MET D 206 -17.57 -5.09 33.72
C MET D 206 -16.18 -4.57 33.39
N GLY D 207 -16.09 -3.39 32.76
CA GLY D 207 -14.79 -2.83 32.45
C GLY D 207 -13.97 -2.56 33.69
N LYS D 208 -14.61 -2.15 34.78
CA LYS D 208 -13.89 -1.96 36.03
C LYS D 208 -13.36 -3.28 36.57
N GLU D 209 -14.15 -4.35 36.49
CA GLU D 209 -13.68 -5.66 36.94
C GLU D 209 -12.61 -6.21 35.99
N LEU D 210 -12.70 -5.90 34.69
CA LEU D 210 -11.71 -6.38 33.75
C LEU D 210 -10.36 -5.71 33.97
N ALA D 211 -10.35 -4.41 34.25
CA ALA D 211 -9.09 -3.71 34.50
C ALA D 211 -8.37 -4.30 35.71
N GLU D 212 -9.12 -4.68 36.75
CA GLU D 212 -8.51 -5.31 37.91
C GLU D 212 -7.87 -6.65 37.54
N GLN D 213 -8.62 -7.49 36.82
CA GLN D 213 -8.10 -8.80 36.45
C GLN D 213 -7.00 -8.68 35.40
N LEU D 214 -7.06 -7.67 34.54
CA LEU D 214 -5.99 -7.46 33.57
C LEU D 214 -4.67 -7.18 34.27
N GLY D 215 -4.68 -6.33 35.30
CA GLY D 215 -3.47 -6.07 36.04
C GLY D 215 -2.96 -7.29 36.79
N THR D 216 -3.86 -8.13 37.27
CA THR D 216 -3.44 -9.34 37.99
C THR D 216 -2.70 -10.30 37.07
N VAL D 217 -3.28 -10.60 35.90
CA VAL D 217 -2.61 -11.48 34.96
C VAL D 217 -1.37 -10.80 34.37
N GLU D 218 -1.38 -9.46 34.31
CA GLU D 218 -0.22 -8.74 33.79
C GLU D 218 0.99 -8.94 34.68
N GLN D 219 0.79 -8.94 36.00
CA GLN D 219 1.91 -9.16 36.92
C GLN D 219 2.35 -10.62 36.91
N ARG D 220 1.39 -11.55 36.87
CA ARG D 220 1.74 -12.97 36.79
C ARG D 220 2.61 -13.25 35.57
N ILE D 221 2.33 -12.58 34.45
CA ILE D 221 3.14 -12.76 33.25
C ILE D 221 4.56 -12.23 33.48
N TYR D 222 4.68 -11.09 34.15
CA TYR D 222 6.00 -10.47 34.33
C TYR D 222 6.93 -11.34 35.16
N GLU D 223 6.40 -11.99 36.20
CA GLU D 223 7.25 -12.84 37.03
C GLU D 223 7.56 -14.17 36.35
N LEU D 224 6.63 -14.70 35.55
CA LEU D 224 6.94 -15.88 34.76
C LEU D 224 7.97 -15.56 33.68
N ALA D 225 7.95 -14.33 33.16
CA ALA D 225 8.97 -13.89 32.22
C ALA D 225 10.25 -13.45 32.91
N GLY D 226 10.21 -13.22 34.22
CA GLY D 226 11.37 -12.75 34.95
C GLY D 226 11.69 -11.29 34.76
N GLN D 227 10.87 -10.56 34.01
CA GLN D 227 11.10 -9.14 33.76
C GLN D 227 9.79 -8.52 33.31
N GLU D 228 9.84 -7.22 33.00
CA GLU D 228 8.70 -6.51 32.46
C GLU D 228 8.91 -6.22 30.97
N PHE D 229 7.81 -6.17 30.24
CA PHE D 229 7.84 -5.89 28.81
C PHE D 229 6.42 -5.62 28.35
N ASN D 230 6.29 -4.85 27.27
CA ASN D 230 4.99 -4.61 26.66
C ASN D 230 4.49 -5.94 26.09
N ILE D 231 3.54 -6.56 26.80
CA ILE D 231 3.03 -7.86 26.38
C ILE D 231 2.40 -7.77 24.99
N ASN D 232 1.86 -6.61 24.63
CA ASN D 232 1.26 -6.42 23.32
C ASN D 232 2.29 -6.16 22.22
N SER D 233 3.55 -5.97 22.57
CA SER D 233 4.60 -5.76 21.57
C SER D 233 4.97 -7.10 20.95
N PRO D 234 4.77 -7.30 19.64
CA PRO D 234 5.14 -8.58 19.03
C PRO D 234 6.63 -8.85 19.10
N LYS D 235 7.46 -7.81 19.02
CA LYS D 235 8.91 -8.01 19.08
C LYS D 235 9.35 -8.39 20.49
N GLN D 236 8.90 -7.62 21.50
CA GLN D 236 9.26 -7.95 22.88
C GLN D 236 8.72 -9.31 23.29
N LEU D 237 7.49 -9.62 22.89
CA LEU D 237 6.89 -10.90 23.25
C LEU D 237 7.65 -12.05 22.59
N GLY D 238 8.03 -11.89 21.32
CA GLY D 238 8.78 -12.93 20.64
C GLY D 238 10.14 -13.17 21.26
N VAL D 239 10.80 -12.10 21.72
CA VAL D 239 12.11 -12.25 22.35
C VAL D 239 11.95 -12.93 23.71
N ILE D 240 10.90 -12.61 24.44
CA ILE D 240 10.68 -13.22 25.76
C ILE D 240 10.45 -14.72 25.60
N LEU D 241 9.59 -15.11 24.66
CA LEU D 241 9.25 -16.52 24.49
C LEU D 241 10.34 -17.28 23.77
N PHE D 242 10.82 -16.76 22.64
CA PHE D 242 11.66 -17.52 21.72
C PHE D 242 13.12 -17.11 21.75
N GLU D 243 13.51 -16.20 22.63
CA GLU D 243 14.93 -15.87 22.76
C GLU D 243 15.42 -15.91 24.19
N LYS D 244 14.58 -15.55 25.17
CA LYS D 244 14.94 -15.70 26.57
C LYS D 244 14.51 -17.06 27.11
N LEU D 245 13.22 -17.40 26.96
CA LEU D 245 12.72 -18.70 27.40
C LEU D 245 13.08 -19.82 26.44
N GLN D 246 13.44 -19.49 25.20
CA GLN D 246 13.90 -20.46 24.21
C GLN D 246 12.83 -21.51 23.90
N LEU D 247 11.57 -21.08 23.89
CA LEU D 247 10.50 -21.96 23.47
C LEU D 247 10.64 -22.24 21.97
N PRO D 248 10.19 -23.41 21.51
CA PRO D 248 10.36 -23.76 20.09
C PRO D 248 9.57 -22.82 19.19
N VAL D 249 10.15 -22.54 18.02
CA VAL D 249 9.53 -21.68 17.02
C VAL D 249 8.70 -22.57 16.10
N LEU D 250 7.37 -22.49 16.24
CA LEU D 250 6.47 -23.31 15.44
C LEU D 250 5.94 -22.63 14.20
N LYS D 251 6.07 -21.30 14.11
CA LYS D 251 5.48 -20.54 13.02
C LYS D 251 6.11 -19.16 12.99
N LYS D 252 6.36 -18.66 11.79
CA LYS D 252 6.93 -17.34 11.57
C LYS D 252 5.95 -16.48 10.78
N THR D 253 6.18 -15.17 10.84
CA THR D 253 5.45 -14.19 10.04
C THR D 253 6.43 -13.48 9.12
N LYS D 254 5.91 -12.53 8.34
CA LYS D 254 6.78 -11.70 7.53
C LYS D 254 7.64 -10.80 8.40
N THR D 255 7.18 -10.49 9.62
CA THR D 255 7.88 -9.59 10.52
C THR D 255 8.72 -10.33 11.56
N GLY D 256 8.38 -11.56 11.91
CA GLY D 256 9.15 -12.30 12.88
C GLY D 256 8.45 -13.54 13.39
N TYR D 257 8.63 -13.85 14.68
CA TYR D 257 7.98 -15.02 15.26
C TYR D 257 6.48 -14.80 15.33
N SER D 258 5.74 -15.90 15.25
CA SER D 258 4.29 -15.86 15.42
C SER D 258 3.93 -16.17 16.86
N THR D 259 2.94 -15.45 17.38
CA THR D 259 2.41 -15.68 18.73
C THR D 259 0.90 -15.82 18.71
N SER D 260 0.34 -16.31 17.60
CA SER D 260 -1.09 -16.50 17.49
C SER D 260 -1.57 -17.57 18.47
N ALA D 261 -2.90 -17.63 18.65
CA ALA D 261 -3.48 -18.51 19.67
C ALA D 261 -3.14 -19.97 19.41
N ASP D 262 -3.20 -20.41 18.15
CA ASP D 262 -2.91 -21.80 17.83
C ASP D 262 -1.48 -22.18 18.19
N VAL D 263 -0.53 -21.24 18.06
CA VAL D 263 0.85 -21.53 18.41
C VAL D 263 1.02 -21.56 19.92
N LEU D 264 0.45 -20.57 20.61
CA LEU D 264 0.61 -20.50 22.06
C LEU D 264 -0.01 -21.72 22.75
N GLU D 265 -1.11 -22.23 22.20
CA GLU D 265 -1.74 -23.42 22.78
C GLU D 265 -0.83 -24.64 22.65
N LYS D 266 -0.14 -24.78 21.51
CA LYS D 266 0.80 -25.88 21.35
C LYS D 266 2.02 -25.72 22.26
N LEU D 267 2.34 -24.48 22.65
CA LEU D 267 3.47 -24.21 23.53
C LEU D 267 3.13 -24.33 25.01
N ALA D 268 1.88 -24.67 25.34
CA ALA D 268 1.50 -24.79 26.74
C ALA D 268 2.29 -25.83 27.53
N PRO D 269 2.66 -26.99 26.99
CA PRO D 269 3.45 -27.95 27.79
C PRO D 269 4.85 -27.47 28.14
N TYR D 270 5.33 -26.38 27.55
CA TYR D 270 6.70 -25.92 27.79
C TYR D 270 6.79 -24.88 28.89
N HIS D 271 5.78 -24.05 29.07
CA HIS D 271 5.85 -22.95 30.03
C HIS D 271 4.45 -22.51 30.39
N GLU D 272 4.31 -21.99 31.62
CA GLU D 272 3.03 -21.48 32.08
C GLU D 272 2.74 -20.06 31.61
N ILE D 273 3.74 -19.37 31.05
CA ILE D 273 3.52 -17.98 30.65
C ILE D 273 2.61 -17.89 29.44
N VAL D 274 2.65 -18.90 28.55
CA VAL D 274 1.85 -18.83 27.34
C VAL D 274 0.37 -19.02 27.62
N GLU D 275 0.02 -19.63 28.76
CA GLU D 275 -1.39 -19.77 29.12
C GLU D 275 -1.92 -18.48 29.73
N ASN D 276 -1.10 -17.79 30.52
CA ASN D 276 -1.51 -16.49 31.05
C ASN D 276 -1.56 -15.43 29.96
N ILE D 277 -0.70 -15.53 28.95
CA ILE D 277 -0.75 -14.62 27.81
C ILE D 277 -2.09 -14.76 27.08
N LEU D 278 -2.56 -16.00 26.90
CA LEU D 278 -3.85 -16.22 26.28
C LEU D 278 -4.97 -15.58 27.12
N HIS D 279 -4.95 -15.82 28.43
CA HIS D 279 -5.93 -15.21 29.31
C HIS D 279 -5.83 -13.69 29.29
N TYR D 280 -4.60 -13.16 29.16
CA TYR D 280 -4.42 -11.72 29.08
C TYR D 280 -4.99 -11.16 27.79
N ARG D 281 -4.82 -11.87 26.68
CA ARG D 281 -5.36 -11.40 25.41
C ARG D 281 -6.87 -11.47 25.37
N GLN D 282 -7.45 -12.53 25.94
CA GLN D 282 -8.90 -12.68 25.93
C GLN D 282 -9.58 -11.61 26.77
N LEU D 283 -8.96 -11.23 27.89
CA LEU D 283 -9.52 -10.14 28.71
C LEU D 283 -9.35 -8.80 28.01
N GLY D 284 -8.14 -8.50 27.53
CA GLY D 284 -7.92 -7.25 26.83
C GLY D 284 -8.76 -7.10 25.58
N LYS D 285 -9.07 -8.22 24.91
CA LYS D 285 -9.95 -8.17 23.75
C LYS D 285 -11.34 -7.69 24.14
N LEU D 286 -11.89 -8.23 25.24
CA LEU D 286 -13.18 -7.77 25.73
C LEU D 286 -13.13 -6.31 26.16
N GLN D 287 -12.03 -5.91 26.80
CA GLN D 287 -11.93 -4.55 27.33
C GLN D 287 -11.91 -3.52 26.20
N SER D 288 -11.09 -3.75 25.19
CA SER D 288 -10.87 -2.74 24.16
C SER D 288 -11.97 -2.73 23.11
N THR D 289 -12.40 -3.91 22.66
CA THR D 289 -13.31 -4.00 21.52
C THR D 289 -14.78 -3.91 21.93
N TYR D 290 -15.16 -4.56 23.04
CA TYR D 290 -16.56 -4.71 23.39
C TYR D 290 -16.96 -3.99 24.66
N ILE D 291 -16.01 -3.53 25.47
CA ILE D 291 -16.33 -2.70 26.63
C ILE D 291 -16.08 -1.25 26.27
N GLU D 292 -14.81 -0.89 26.07
CA GLU D 292 -14.47 0.50 25.77
C GLU D 292 -14.90 0.88 24.36
N GLY D 293 -14.65 0.01 23.38
CA GLY D 293 -15.02 0.32 22.01
C GLY D 293 -16.52 0.49 21.83
N LEU D 294 -17.30 -0.28 22.59
CA LEU D 294 -18.75 -0.21 22.46
C LEU D 294 -19.29 1.06 23.11
N LEU D 295 -18.76 1.43 24.27
CA LEU D 295 -19.24 2.62 24.98
C LEU D 295 -18.87 3.91 24.24
N LYS D 296 -17.89 3.87 23.34
CA LYS D 296 -17.56 5.07 22.57
C LYS D 296 -18.67 5.44 21.59
N VAL D 297 -19.36 4.45 21.03
CA VAL D 297 -20.35 4.69 19.99
C VAL D 297 -21.77 4.66 20.52
N VAL D 298 -21.97 4.42 21.82
CA VAL D 298 -23.30 4.48 22.40
C VAL D 298 -23.78 5.93 22.37
N ARG D 299 -25.02 6.13 21.89
CA ARG D 299 -25.63 7.44 22.00
C ARG D 299 -26.10 7.64 23.44
N PRO D 300 -25.49 8.57 24.17
CA PRO D 300 -25.72 8.62 25.62
C PRO D 300 -27.16 8.92 26.02
N ALA D 301 -27.90 9.69 25.20
CA ALA D 301 -29.27 10.05 25.57
C ALA D 301 -30.19 8.83 25.58
N THR D 302 -30.14 8.02 24.52
CA THR D 302 -31.00 6.86 24.38
C THR D 302 -30.34 5.55 24.81
N LYS D 303 -29.02 5.57 25.05
CA LYS D 303 -28.27 4.36 25.39
C LYS D 303 -28.42 3.29 24.31
N LYS D 304 -28.50 3.74 23.06
CA LYS D 304 -28.63 2.86 21.90
C LYS D 304 -27.38 2.92 21.03
N VAL D 305 -27.06 1.80 20.41
CA VAL D 305 -26.02 1.72 19.39
C VAL D 305 -26.70 1.57 18.03
N HIS D 306 -26.19 2.30 17.04
CA HIS D 306 -26.74 2.27 15.69
C HIS D 306 -25.64 1.80 14.74
N THR D 307 -25.63 0.50 14.45
CA THR D 307 -24.67 -0.05 13.51
C THR D 307 -25.07 0.31 12.09
N ILE D 308 -24.18 0.00 11.15
CA ILE D 308 -24.42 0.18 9.73
C ILE D 308 -24.13 -1.15 9.04
N PHE D 309 -25.16 -1.74 8.43
CA PHE D 309 -25.01 -2.97 7.68
C PHE D 309 -24.61 -2.62 6.25
N ASN D 310 -23.37 -2.93 5.90
CA ASN D 310 -22.87 -2.69 4.54
C ASN D 310 -23.40 -3.79 3.64
N GLN D 311 -24.32 -3.43 2.74
CA GLN D 311 -24.99 -4.38 1.88
C GLN D 311 -24.23 -4.68 0.60
N ALA D 312 -23.18 -3.92 0.29
CA ALA D 312 -22.46 -4.04 -0.98
C ALA D 312 -20.96 -4.18 -0.75
N LEU D 313 -20.56 -5.03 0.20
CA LEU D 313 -19.16 -5.18 0.53
C LEU D 313 -18.65 -6.60 0.32
N THR D 314 -19.31 -7.60 0.91
CA THR D 314 -18.77 -8.95 0.90
C THR D 314 -18.79 -9.54 -0.51
N GLN D 315 -17.79 -10.38 -0.79
CA GLN D 315 -17.64 -11.00 -2.10
C GLN D 315 -18.60 -12.16 -2.31
N THR D 316 -19.24 -12.66 -1.26
CA THR D 316 -20.16 -13.79 -1.37
C THR D 316 -21.62 -13.37 -1.29
N GLY D 317 -21.92 -12.15 -0.85
CA GLY D 317 -23.28 -11.70 -0.68
C GLY D 317 -23.75 -11.59 0.75
N ARG D 318 -22.87 -11.85 1.71
CA ARG D 318 -23.21 -11.63 3.11
C ARG D 318 -23.32 -10.13 3.40
N LEU D 319 -23.81 -9.83 4.60
CA LEU D 319 -23.73 -8.49 5.14
C LEU D 319 -22.47 -8.34 5.98
N SER D 320 -22.10 -7.09 6.26
CA SER D 320 -21.10 -6.78 7.28
C SER D 320 -21.63 -5.64 8.13
N SER D 321 -21.18 -5.58 9.38
CA SER D 321 -21.65 -4.59 10.34
C SER D 321 -20.46 -3.83 10.88
N THR D 322 -20.51 -2.50 10.82
CA THR D 322 -19.40 -1.66 11.25
C THR D 322 -19.90 -0.59 12.22
N GLU D 323 -19.01 -0.19 13.13
CA GLU D 323 -19.13 0.93 14.06
C GLU D 323 -20.50 1.03 14.70
N PRO D 324 -20.84 0.13 15.64
CA PRO D 324 -20.02 -1.02 16.04
C PRO D 324 -20.34 -2.27 15.23
N ASN D 325 -19.45 -3.25 15.26
CA ASN D 325 -19.71 -4.54 14.61
C ASN D 325 -20.55 -5.37 15.56
N LEU D 326 -21.84 -5.50 15.26
CA LEU D 326 -22.77 -6.27 16.08
C LEU D 326 -22.94 -7.70 15.60
N GLN D 327 -22.05 -8.18 14.72
CA GLN D 327 -22.08 -9.55 14.24
C GLN D 327 -20.95 -10.40 14.81
N ASN D 328 -20.15 -9.87 15.73
CA ASN D 328 -19.07 -10.63 16.35
C ASN D 328 -19.04 -10.38 17.86
N ILE D 329 -20.21 -10.25 18.46
CA ILE D 329 -20.31 -10.12 19.92
C ILE D 329 -19.97 -11.46 20.56
N PRO D 330 -19.10 -11.50 21.57
CA PRO D 330 -18.64 -12.80 22.11
C PRO D 330 -19.78 -13.64 22.66
N ILE D 331 -19.58 -14.96 22.64
CA ILE D 331 -20.60 -15.89 23.07
C ILE D 331 -20.00 -17.28 23.34
N ARG D 332 -18.88 -17.59 22.70
CA ARG D 332 -18.35 -18.95 22.76
C ARG D 332 -17.67 -19.26 24.10
N LEU D 333 -17.14 -18.23 24.77
CA LEU D 333 -16.58 -18.38 26.11
C LEU D 333 -17.50 -17.73 27.13
N GLU D 334 -17.55 -18.30 28.33
CA GLU D 334 -18.46 -17.80 29.35
C GLU D 334 -18.04 -16.42 29.85
N GLU D 335 -16.73 -16.18 29.96
CA GLU D 335 -16.28 -14.87 30.41
C GLU D 335 -16.63 -13.77 29.44
N GLY D 336 -16.74 -14.10 28.15
CA GLY D 336 -17.08 -13.12 27.13
C GLY D 336 -18.55 -13.16 26.75
N ARG D 337 -19.22 -14.27 27.06
CA ARG D 337 -20.63 -14.40 26.73
C ARG D 337 -21.46 -13.36 27.48
N LYS D 338 -21.10 -13.08 28.74
CA LYS D 338 -21.89 -12.18 29.58
C LYS D 338 -21.93 -10.76 29.06
N ILE D 339 -21.11 -10.41 28.07
CA ILE D 339 -21.23 -9.11 27.42
C ILE D 339 -22.58 -8.99 26.73
N ARG D 340 -23.15 -10.11 26.28
CA ARG D 340 -24.47 -10.09 25.66
C ARG D 340 -25.57 -9.75 26.64
N GLN D 341 -25.31 -9.84 27.95
CA GLN D 341 -26.29 -9.38 28.93
C GLN D 341 -26.58 -7.89 28.77
N ALA D 342 -25.58 -7.12 28.35
CA ALA D 342 -25.74 -5.67 28.22
C ALA D 342 -26.70 -5.29 27.10
N PHE D 343 -26.97 -6.18 26.16
CA PHE D 343 -27.91 -5.90 25.07
C PHE D 343 -29.32 -6.20 25.55
N VAL D 344 -30.10 -5.14 25.77
CA VAL D 344 -31.40 -5.25 26.42
C VAL D 344 -32.45 -4.69 25.47
N PRO D 345 -33.72 -5.05 25.65
CA PRO D 345 -34.78 -4.44 24.85
C PRO D 345 -34.86 -2.94 25.05
N SER D 346 -35.36 -2.24 24.04
CA SER D 346 -35.45 -0.79 24.08
C SER D 346 -36.66 -0.28 24.85
N GLU D 347 -37.61 -1.15 25.19
CA GLU D 347 -38.80 -0.77 25.93
C GLU D 347 -38.98 -1.70 27.12
N SER D 348 -39.57 -1.16 28.19
CA SER D 348 -39.83 -1.95 29.38
C SER D 348 -40.88 -3.02 29.09
N ASP D 349 -40.74 -4.16 29.76
CA ASP D 349 -41.61 -5.32 29.56
C ASP D 349 -41.56 -5.84 28.13
N TRP D 350 -40.46 -5.61 27.44
CA TRP D 350 -40.16 -6.24 26.17
C TRP D 350 -39.08 -7.30 26.36
N LEU D 351 -39.01 -8.24 25.42
CA LEU D 351 -38.03 -9.32 25.48
C LEU D 351 -37.28 -9.37 24.16
N ILE D 352 -36.18 -10.11 24.16
CA ILE D 352 -35.31 -10.29 22.99
C ILE D 352 -35.54 -11.68 22.44
N PHE D 353 -35.87 -11.77 21.16
CA PHE D 353 -36.12 -13.04 20.48
C PHE D 353 -35.08 -13.22 19.38
N ALA D 354 -34.33 -14.31 19.45
CA ALA D 354 -33.31 -14.65 18.47
C ALA D 354 -33.60 -16.02 17.89
N ALA D 355 -33.35 -16.19 16.59
CA ALA D 355 -33.60 -17.44 15.89
C ALA D 355 -32.50 -17.68 14.87
N ASP D 356 -32.02 -18.92 14.81
CA ASP D 356 -30.91 -19.28 13.92
C ASP D 356 -31.26 -20.51 13.10
N TYR D 357 -30.85 -20.50 11.83
CA TYR D 357 -30.88 -21.72 11.03
C TYR D 357 -29.88 -22.73 11.59
N SER D 358 -30.22 -24.00 11.48
CA SER D 358 -29.33 -25.08 11.89
C SER D 358 -28.59 -25.61 10.68
N GLN D 359 -27.26 -25.73 10.80
CA GLN D 359 -26.34 -26.11 9.74
C GLN D 359 -26.80 -25.62 8.36
N ILE D 360 -26.98 -24.30 8.22
CA ILE D 360 -27.61 -23.76 7.03
C ILE D 360 -26.78 -24.07 5.78
N GLU D 361 -25.45 -23.97 5.89
CA GLU D 361 -24.61 -24.25 4.73
C GLU D 361 -24.45 -25.75 4.48
N LEU D 362 -24.70 -26.59 5.47
CA LEU D 362 -24.72 -28.03 5.22
C LEU D 362 -26.03 -28.45 4.56
N ARG D 363 -27.13 -27.81 4.94
CA ARG D 363 -28.40 -28.06 4.26
C ARG D 363 -28.36 -27.58 2.81
N VAL D 364 -27.80 -26.38 2.59
CA VAL D 364 -27.70 -25.84 1.24
C VAL D 364 -26.78 -26.68 0.38
N LEU D 365 -25.65 -27.13 0.95
CA LEU D 365 -24.75 -28.00 0.20
C LEU D 365 -25.43 -29.29 -0.23
N ALA D 366 -26.34 -29.82 0.59
CA ALA D 366 -27.07 -31.02 0.20
C ALA D 366 -27.98 -30.76 -0.99
N HIS D 367 -28.62 -29.58 -1.03
CA HIS D 367 -29.50 -29.25 -2.15
C HIS D 367 -28.70 -29.07 -3.44
N ILE D 368 -27.53 -28.46 -3.36
CA ILE D 368 -26.74 -28.16 -4.55
C ILE D 368 -26.00 -29.41 -5.03
N ALA D 369 -25.29 -30.07 -4.12
CA ALA D 369 -24.51 -31.25 -4.47
C ALA D 369 -25.35 -32.49 -4.70
N GLU D 370 -26.64 -32.44 -4.35
CA GLU D 370 -27.57 -33.57 -4.36
C GLU D 370 -26.88 -34.88 -3.99
N ASP D 371 -26.21 -34.89 -2.83
CA ASP D 371 -25.57 -36.09 -2.31
C ASP D 371 -26.61 -36.93 -1.60
N ASP D 372 -26.81 -38.15 -2.08
CA ASP D 372 -27.84 -39.03 -1.50
C ASP D 372 -27.55 -39.33 -0.03
N ASN D 373 -26.31 -39.72 0.27
CA ASN D 373 -25.97 -40.12 1.64
C ASN D 373 -26.08 -38.95 2.61
N LEU D 374 -25.85 -37.72 2.14
CA LEU D 374 -25.89 -36.56 3.02
C LEU D 374 -27.32 -36.13 3.32
N MET D 375 -28.11 -35.83 2.28
CA MET D 375 -29.48 -35.38 2.51
C MET D 375 -30.38 -36.47 3.05
N GLU D 376 -29.95 -37.74 3.03
CA GLU D 376 -30.66 -38.76 3.77
C GLU D 376 -30.51 -38.55 5.28
N ALA D 377 -29.36 -38.04 5.72
CA ALA D 377 -29.18 -37.73 7.13
C ALA D 377 -30.03 -36.54 7.55
N PHE D 378 -30.19 -35.55 6.66
CA PHE D 378 -31.06 -34.42 6.96
C PHE D 378 -32.53 -34.80 6.87
N ARG D 379 -32.86 -35.90 6.20
CA ARG D 379 -34.21 -36.42 6.25
C ARG D 379 -34.52 -36.99 7.64
N ARG D 380 -33.67 -37.91 8.11
CA ARG D 380 -33.83 -38.50 9.44
C ARG D 380 -33.53 -37.51 10.56
N ASP D 381 -33.13 -36.28 10.24
CA ASP D 381 -32.98 -35.17 11.16
C ASP D 381 -31.85 -35.35 12.17
N LEU D 382 -31.02 -36.39 12.03
CA LEU D 382 -29.89 -36.55 12.93
C LEU D 382 -28.89 -35.42 12.68
N ASP D 383 -28.73 -34.55 13.68
CA ASP D 383 -27.92 -33.35 13.52
C ASP D 383 -26.49 -33.70 13.13
N ILE D 384 -26.02 -33.10 12.03
CA ILE D 384 -24.69 -33.41 11.50
C ILE D 384 -23.61 -32.87 12.43
N HIS D 385 -23.83 -31.69 13.03
CA HIS D 385 -22.84 -31.12 13.93
C HIS D 385 -22.62 -32.01 15.15
N THR D 386 -23.66 -32.73 15.59
CA THR D 386 -23.48 -33.73 16.65
C THR D 386 -23.11 -35.10 16.09
N LYS D 387 -23.61 -35.45 14.90
CA LYS D 387 -23.23 -36.72 14.28
C LYS D 387 -21.72 -36.79 14.10
N THR D 388 -21.11 -35.69 13.63
CA THR D 388 -19.66 -35.65 13.46
C THR D 388 -18.93 -35.30 14.74
N ALA D 389 -19.65 -34.92 15.79
CA ALA D 389 -19.08 -34.83 17.13
C ALA D 389 -18.98 -36.19 17.80
N MET D 390 -19.32 -37.27 17.09
CA MET D 390 -19.24 -38.63 17.58
C MET D 390 -18.03 -39.39 17.06
N ASP D 391 -17.37 -38.89 16.01
CA ASP D 391 -16.15 -39.45 15.46
C ASP D 391 -14.90 -38.69 15.86
N ILE D 392 -14.96 -37.35 15.82
CA ILE D 392 -13.80 -36.53 16.15
C ILE D 392 -13.36 -36.77 17.59
N PHE D 393 -14.31 -37.15 18.46
CA PHE D 393 -14.00 -37.37 19.87
C PHE D 393 -14.52 -38.70 20.40
N GLN D 394 -15.14 -39.53 19.57
CA GLN D 394 -15.54 -40.90 19.92
C GLN D 394 -16.29 -40.95 21.25
N VAL D 395 -17.49 -40.39 21.21
CA VAL D 395 -18.31 -40.25 22.42
C VAL D 395 -19.77 -40.39 22.04
N SER D 396 -20.56 -40.91 22.99
CA SER D 396 -21.99 -41.04 22.78
C SER D 396 -22.64 -39.66 22.73
N GLU D 397 -23.86 -39.63 22.18
CA GLU D 397 -24.57 -38.36 21.96
C GLU D 397 -24.77 -37.62 23.27
N ASP D 398 -25.13 -38.33 24.34
CA ASP D 398 -25.37 -37.71 25.65
C ASP D 398 -24.08 -37.28 26.34
N GLU D 399 -22.94 -37.31 25.64
CA GLU D 399 -21.67 -36.81 26.17
C GLU D 399 -21.07 -35.74 25.27
N VAL D 400 -21.80 -35.29 24.24
CA VAL D 400 -21.31 -34.25 23.34
C VAL D 400 -21.41 -32.91 24.06
N THR D 401 -20.28 -32.24 24.22
CA THR D 401 -20.24 -30.94 24.87
C THR D 401 -20.55 -29.83 23.86
N PRO D 402 -21.00 -28.66 24.33
CA PRO D 402 -21.18 -27.54 23.40
C PRO D 402 -19.91 -27.18 22.66
N ASN D 403 -18.76 -27.20 23.34
CA ASN D 403 -17.49 -26.94 22.66
C ASN D 403 -17.08 -28.13 21.82
N MET D 404 -17.59 -29.32 22.15
CA MET D 404 -17.37 -30.46 21.27
C MET D 404 -18.16 -30.31 19.98
N ARG D 405 -19.38 -29.76 20.07
CA ARG D 405 -20.20 -29.51 18.90
C ARG D 405 -19.69 -28.32 18.08
N ARG D 406 -19.10 -27.32 18.72
CA ARG D 406 -18.60 -26.16 17.99
C ARG D 406 -17.32 -26.49 17.22
N GLN D 407 -16.45 -27.30 17.80
CA GLN D 407 -15.24 -27.70 17.08
C GLN D 407 -15.53 -28.73 16.00
N ALA D 408 -16.59 -29.52 16.17
CA ALA D 408 -17.04 -30.39 15.08
C ALA D 408 -17.70 -29.59 13.98
N LYS D 409 -18.30 -28.44 14.31
CA LYS D 409 -18.89 -27.57 13.31
C LYS D 409 -17.84 -27.07 12.31
N ALA D 410 -16.61 -26.88 12.77
CA ALA D 410 -15.55 -26.43 11.88
C ALA D 410 -14.99 -27.58 11.04
N VAL D 411 -15.02 -28.81 11.56
CA VAL D 411 -14.56 -29.95 10.77
C VAL D 411 -15.52 -30.23 9.62
N ASN D 412 -16.83 -30.07 9.88
CA ASN D 412 -17.81 -30.23 8.81
C ASN D 412 -17.58 -29.20 7.71
N TYR D 413 -17.63 -27.92 8.05
CA TYR D 413 -17.41 -26.87 7.06
C TYR D 413 -16.00 -26.88 6.52
N GLY D 414 -15.03 -27.33 7.33
CA GLY D 414 -13.65 -27.38 6.84
C GLY D 414 -13.47 -28.37 5.71
N ILE D 415 -14.01 -29.58 5.88
CA ILE D 415 -13.79 -30.64 4.90
C ILE D 415 -14.50 -30.32 3.59
N VAL D 416 -15.75 -29.83 3.66
CA VAL D 416 -16.51 -29.54 2.45
C VAL D 416 -15.95 -28.37 1.67
N TYR D 417 -15.06 -27.57 2.25
CA TYR D 417 -14.51 -26.39 1.61
C TYR D 417 -13.01 -26.49 1.41
N GLY D 418 -12.49 -27.71 1.26
CA GLY D 418 -11.12 -27.93 0.86
C GLY D 418 -10.06 -27.59 1.89
N ILE D 419 -10.23 -28.05 3.11
CA ILE D 419 -9.15 -28.00 4.09
C ILE D 419 -8.17 -29.14 3.77
N SER D 420 -6.88 -28.83 3.83
CA SER D 420 -5.89 -29.86 3.57
C SER D 420 -5.76 -30.78 4.78
N ASP D 421 -5.05 -31.89 4.57
CA ASP D 421 -4.72 -32.76 5.71
C ASP D 421 -3.88 -32.01 6.73
N TYR D 422 -2.98 -31.15 6.26
CA TYR D 422 -2.17 -30.34 7.15
C TYR D 422 -3.02 -29.45 8.03
N GLY D 423 -4.03 -28.79 7.45
CA GLY D 423 -4.85 -27.88 8.22
C GLY D 423 -5.73 -28.61 9.24
N LEU D 424 -6.31 -29.74 8.84
CA LEU D 424 -7.12 -30.51 9.78
C LEU D 424 -6.27 -31.13 10.88
N ALA D 425 -5.03 -31.53 10.56
CA ALA D 425 -4.14 -32.06 11.57
C ALA D 425 -3.71 -30.98 12.56
N GLN D 426 -3.56 -29.73 12.10
CA GLN D 426 -3.20 -28.64 13.01
C GLN D 426 -4.39 -28.22 13.87
N ASN D 427 -5.61 -28.40 13.36
CA ASN D 427 -6.78 -27.99 14.13
C ASN D 427 -7.14 -29.00 15.20
N LEU D 428 -7.01 -30.29 14.90
CA LEU D 428 -7.33 -31.35 15.85
C LEU D 428 -6.11 -31.88 16.60
N ASN D 429 -4.92 -31.37 16.29
CA ASN D 429 -3.67 -31.83 16.90
C ASN D 429 -3.50 -33.35 16.74
N ILE D 430 -3.85 -33.85 15.56
CA ILE D 430 -3.67 -35.27 15.24
C ILE D 430 -2.62 -35.37 14.14
N SER D 431 -2.23 -36.59 13.79
CA SER D 431 -1.17 -36.78 12.77
C SER D 431 -1.71 -36.38 11.40
N ARG D 432 -0.81 -35.99 10.51
CA ARG D 432 -1.17 -35.49 9.18
C ARG D 432 -1.76 -36.62 8.32
N LYS D 433 -1.14 -37.80 8.34
CA LYS D 433 -1.73 -38.94 7.65
C LYS D 433 -3.01 -39.40 8.34
N GLU D 434 -3.11 -39.18 9.66
CA GLU D 434 -4.35 -39.48 10.36
C GLU D 434 -5.45 -38.51 9.93
N ALA D 435 -5.09 -37.26 9.66
CA ALA D 435 -6.08 -36.30 9.17
C ALA D 435 -6.45 -36.58 7.72
N ALA D 436 -5.47 -36.98 6.91
CA ALA D 436 -5.75 -37.33 5.52
C ALA D 436 -6.66 -38.55 5.43
N GLU D 437 -6.46 -39.48 6.37
CA GLU D 437 -7.29 -40.71 6.44
C GLU D 437 -8.74 -40.34 6.75
N PHE D 438 -8.95 -39.35 7.62
CA PHE D 438 -10.30 -38.90 7.96
C PHE D 438 -10.93 -38.12 6.83
N ILE D 439 -10.13 -37.42 6.02
CA ILE D 439 -10.67 -36.73 4.85
C ILE D 439 -11.08 -37.74 3.78
N GLU D 440 -10.31 -38.81 3.64
CA GLU D 440 -10.67 -39.86 2.69
C GLU D 440 -11.99 -40.51 3.08
N ARG D 441 -12.11 -40.97 4.33
CA ARG D 441 -13.36 -41.59 4.77
C ARG D 441 -14.51 -40.58 4.91
N TYR D 442 -14.32 -39.36 4.41
CA TYR D 442 -15.38 -38.36 4.28
C TYR D 442 -15.78 -38.14 2.83
N PHE D 443 -14.81 -38.06 1.92
CA PHE D 443 -15.11 -37.94 0.50
C PHE D 443 -15.49 -39.28 -0.11
N GLU D 444 -14.86 -40.36 0.34
CA GLU D 444 -15.33 -41.69 -0.05
C GLU D 444 -16.71 -41.98 0.51
N SER D 445 -16.96 -41.54 1.75
CA SER D 445 -18.26 -41.71 2.38
C SER D 445 -19.32 -40.78 1.79
N PHE D 446 -18.92 -39.75 1.05
CA PHE D 446 -19.85 -38.80 0.43
C PHE D 446 -19.44 -38.60 -1.02
N PRO D 447 -19.98 -39.40 -1.94
CA PRO D 447 -19.63 -39.22 -3.36
C PRO D 447 -20.28 -38.01 -3.97
N GLY D 448 -21.50 -37.66 -3.56
CA GLY D 448 -22.19 -36.53 -4.17
C GLY D 448 -21.59 -35.18 -3.81
N VAL D 449 -21.01 -35.07 -2.61
CA VAL D 449 -20.38 -33.82 -2.21
C VAL D 449 -19.03 -33.66 -2.89
N LYS D 450 -18.22 -34.72 -2.90
CA LYS D 450 -16.92 -34.67 -3.54
C LYS D 450 -17.06 -34.41 -5.04
N ARG D 451 -18.08 -35.01 -5.66
CA ARG D 451 -18.29 -34.81 -7.09
C ARG D 451 -18.63 -33.35 -7.41
N TYR D 452 -19.47 -32.74 -6.58
CA TYR D 452 -19.85 -31.34 -6.83
C TYR D 452 -18.64 -30.42 -6.69
N MET D 453 -17.79 -30.66 -5.69
CA MET D 453 -16.60 -29.82 -5.53
C MET D 453 -15.60 -30.05 -6.65
N GLU D 454 -15.58 -31.24 -7.23
CA GLU D 454 -14.78 -31.47 -8.44
C GLU D 454 -15.39 -30.75 -9.64
N ASN D 455 -16.72 -30.68 -9.69
CA ASN D 455 -17.38 -30.09 -10.86
C ASN D 455 -17.46 -28.57 -10.76
N ILE D 456 -17.68 -28.03 -9.56
CA ILE D 456 -17.82 -26.59 -9.43
C ILE D 456 -16.50 -25.89 -9.73
N VAL D 457 -15.38 -26.53 -9.43
CA VAL D 457 -14.08 -25.97 -9.82
C VAL D 457 -13.92 -26.05 -11.33
N GLN D 458 -14.44 -27.09 -11.97
CA GLN D 458 -14.38 -27.18 -13.42
C GLN D 458 -15.31 -26.18 -14.08
N GLU D 459 -16.52 -26.02 -13.54
CA GLU D 459 -17.43 -24.99 -14.05
C GLU D 459 -16.83 -23.61 -13.88
N ALA D 460 -16.10 -23.38 -12.78
CA ALA D 460 -15.46 -22.09 -12.57
C ALA D 460 -14.42 -21.81 -13.64
N LYS D 461 -13.70 -22.84 -14.09
CA LYS D 461 -12.68 -22.64 -15.11
C LYS D 461 -13.30 -22.44 -16.48
N GLN D 462 -14.50 -22.96 -16.72
CA GLN D 462 -15.14 -22.85 -18.02
C GLN D 462 -15.92 -21.55 -18.18
N LYS D 463 -16.58 -21.10 -17.12
CA LYS D 463 -17.39 -19.88 -17.19
C LYS D 463 -16.63 -18.63 -16.74
N GLY D 464 -15.70 -18.78 -15.79
CA GLY D 464 -15.05 -17.65 -15.18
C GLY D 464 -15.78 -17.08 -13.99
N TYR D 465 -16.88 -17.71 -13.57
CA TYR D 465 -17.66 -17.26 -12.43
C TYR D 465 -18.48 -18.42 -11.91
N VAL D 466 -18.88 -18.32 -10.64
CA VAL D 466 -19.80 -19.27 -10.02
C VAL D 466 -21.01 -18.49 -9.52
N THR D 467 -22.14 -19.18 -9.42
CA THR D 467 -23.40 -18.55 -9.06
C THR D 467 -23.97 -19.18 -7.80
N THR D 468 -25.04 -18.56 -7.29
CA THR D 468 -25.77 -19.04 -6.12
C THR D 468 -27.20 -19.39 -6.54
N LEU D 469 -28.03 -19.71 -5.54
CA LEU D 469 -29.40 -20.13 -5.83
C LEU D 469 -30.22 -19.00 -6.44
N LEU D 470 -30.07 -17.78 -5.92
CA LEU D 470 -30.81 -16.64 -6.43
C LEU D 470 -30.01 -15.82 -7.44
N HIS D 471 -29.09 -16.47 -8.16
CA HIS D 471 -28.41 -15.94 -9.33
C HIS D 471 -27.37 -14.87 -9.00
N ARG D 472 -26.96 -14.77 -7.74
CA ARG D 472 -25.79 -13.96 -7.42
C ARG D 472 -24.54 -14.65 -7.94
N ARG D 473 -23.60 -13.87 -8.47
CA ARG D 473 -22.41 -14.43 -9.09
C ARG D 473 -21.15 -13.77 -8.53
N ARG D 474 -20.05 -14.52 -8.58
CA ARG D 474 -18.74 -14.01 -8.19
C ARG D 474 -17.72 -14.48 -9.22
N TYR D 475 -16.98 -13.53 -9.79
CA TYR D 475 -15.96 -13.85 -10.78
C TYR D 475 -14.68 -14.33 -10.12
N LEU D 476 -14.02 -15.29 -10.77
CA LEU D 476 -12.78 -15.88 -10.27
C LEU D 476 -11.77 -15.93 -11.40
N PRO D 477 -11.16 -14.79 -11.75
CA PRO D 477 -10.17 -14.79 -12.84
C PRO D 477 -8.93 -15.62 -12.54
N ASP D 478 -8.58 -15.79 -11.26
CA ASP D 478 -7.39 -16.54 -10.87
C ASP D 478 -7.60 -18.04 -10.91
N ILE D 479 -8.74 -18.53 -11.37
CA ILE D 479 -9.04 -19.95 -11.36
C ILE D 479 -8.10 -20.74 -12.28
N THR D 480 -7.51 -20.08 -13.28
CA THR D 480 -6.57 -20.72 -14.19
C THR D 480 -5.17 -20.10 -14.11
N SER D 481 -4.87 -19.44 -12.99
CA SER D 481 -3.56 -18.81 -12.84
C SER D 481 -2.46 -19.85 -12.86
N ARG D 482 -1.35 -19.51 -13.52
CA ARG D 482 -0.20 -20.42 -13.56
C ARG D 482 0.36 -20.66 -12.15
N ASN D 483 0.25 -19.66 -11.28
CA ASN D 483 0.71 -19.83 -9.91
C ASN D 483 -0.14 -20.86 -9.19
N PHE D 484 0.52 -21.82 -8.54
CA PHE D 484 -0.19 -22.88 -7.85
C PHE D 484 -1.00 -22.33 -6.67
N ASN D 485 -0.36 -21.50 -5.85
CA ASN D 485 -1.03 -20.99 -4.66
C ASN D 485 -2.17 -20.06 -5.02
N VAL D 486 -1.98 -19.22 -6.03
CA VAL D 486 -3.06 -18.32 -6.46
C VAL D 486 -4.20 -19.13 -7.06
N ARG D 487 -3.88 -20.21 -7.78
CA ARG D 487 -4.92 -21.05 -8.36
C ARG D 487 -5.69 -21.81 -7.27
N SER D 488 -4.98 -22.30 -6.25
CA SER D 488 -5.63 -23.06 -5.19
C SER D 488 -6.61 -22.21 -4.40
N PHE D 489 -6.23 -20.96 -4.12
CA PHE D 489 -7.13 -20.07 -3.39
C PHE D 489 -8.40 -19.80 -4.19
N ALA D 490 -8.27 -19.59 -5.50
CA ALA D 490 -9.45 -19.38 -6.32
C ALA D 490 -10.34 -20.62 -6.38
N GLU D 491 -9.74 -21.81 -6.31
CA GLU D 491 -10.53 -23.04 -6.35
C GLU D 491 -11.38 -23.18 -5.09
N ARG D 492 -10.80 -22.91 -3.92
CA ARG D 492 -11.56 -22.96 -2.68
C ARG D 492 -12.72 -21.98 -2.70
N MET D 493 -12.52 -20.81 -3.32
CA MET D 493 -13.62 -19.85 -3.45
C MET D 493 -14.74 -20.42 -4.30
N ALA D 494 -14.39 -21.16 -5.36
CA ALA D 494 -15.42 -21.82 -6.17
C ALA D 494 -16.18 -22.87 -5.37
N MET D 495 -15.54 -23.46 -4.36
CA MET D 495 -16.22 -24.42 -3.51
C MET D 495 -17.14 -23.74 -2.49
N ASN D 496 -16.67 -22.64 -1.90
CA ASN D 496 -17.35 -22.01 -0.76
C ASN D 496 -18.42 -21.02 -1.18
N THR D 497 -18.08 -20.11 -2.10
CA THR D 497 -18.98 -19.01 -2.45
C THR D 497 -20.39 -19.43 -2.84
N PRO D 498 -20.59 -20.46 -3.69
CA PRO D 498 -21.99 -20.84 -4.02
C PRO D 498 -22.80 -21.28 -2.83
N ILE D 499 -22.17 -21.78 -1.76
CA ILE D 499 -22.90 -22.26 -0.61
C ILE D 499 -23.15 -21.12 0.37
N GLN D 500 -22.09 -20.42 0.77
CA GLN D 500 -22.25 -19.26 1.64
C GLN D 500 -23.13 -18.20 0.99
N GLY D 501 -22.93 -17.96 -0.31
CA GLY D 501 -23.76 -16.98 -1.00
C GLY D 501 -25.22 -17.37 -1.05
N SER D 502 -25.50 -18.66 -1.27
CA SER D 502 -26.88 -19.12 -1.25
C SER D 502 -27.48 -18.98 0.14
N ALA D 503 -26.72 -19.33 1.17
CA ALA D 503 -27.18 -19.11 2.54
C ALA D 503 -27.43 -17.63 2.81
N ALA D 504 -26.66 -16.75 2.17
CA ALA D 504 -26.91 -15.32 2.30
C ALA D 504 -28.20 -14.94 1.56
N ASP D 505 -28.45 -15.56 0.41
CA ASP D 505 -29.67 -15.28 -0.34
C ASP D 505 -30.91 -15.65 0.47
N ILE D 506 -30.86 -16.80 1.17
CA ILE D 506 -32.04 -17.33 1.84
C ILE D 506 -32.47 -16.39 2.98
N ILE D 507 -31.53 -16.03 3.85
CA ILE D 507 -31.89 -15.22 5.01
C ILE D 507 -32.30 -13.82 4.56
N LYS D 508 -31.73 -13.31 3.46
CA LYS D 508 -32.18 -12.02 2.93
C LYS D 508 -33.64 -12.08 2.52
N LYS D 509 -34.05 -13.17 1.88
CA LYS D 509 -35.45 -13.33 1.52
C LYS D 509 -36.31 -13.56 2.75
N ALA D 510 -35.81 -14.32 3.73
CA ALA D 510 -36.55 -14.55 4.95
C ALA D 510 -36.81 -13.25 5.70
N MET D 511 -35.83 -12.35 5.71
CA MET D 511 -36.02 -11.05 6.36
C MET D 511 -37.13 -10.26 5.69
N ILE D 512 -37.18 -10.29 4.35
CA ILE D 512 -38.24 -9.58 3.63
C ILE D 512 -39.59 -10.22 3.90
N ASP D 513 -39.65 -11.55 3.82
CA ASP D 513 -40.91 -12.25 4.07
C ASP D 513 -41.37 -12.04 5.51
N LEU D 514 -40.46 -12.16 6.47
CA LEU D 514 -40.83 -11.98 7.87
C LEU D 514 -41.32 -10.56 8.14
N ASN D 515 -40.60 -9.56 7.64
CA ASN D 515 -41.02 -8.18 7.84
C ASN D 515 -42.37 -7.91 7.18
N ALA D 516 -42.71 -8.68 6.14
CA ALA D 516 -44.03 -8.58 5.53
C ALA D 516 -45.08 -9.34 6.35
N ARG D 517 -44.73 -10.50 6.88
CA ARG D 517 -45.63 -11.22 7.77
C ARG D 517 -45.89 -10.44 9.06
N LEU D 518 -45.00 -9.53 9.43
CA LEU D 518 -45.19 -8.74 10.64
C LEU D 518 -46.11 -7.54 10.40
N LYS D 519 -46.07 -6.96 9.20
CA LYS D 519 -46.86 -5.76 8.94
C LYS D 519 -48.34 -6.09 8.77
N GLU D 520 -48.66 -7.28 8.25
CA GLU D 520 -50.07 -7.64 8.06
C GLU D 520 -50.77 -7.83 9.40
N GLU D 521 -50.21 -8.67 10.27
CA GLU D 521 -50.80 -8.90 11.58
C GLU D 521 -50.60 -7.73 12.54
N ARG D 522 -49.77 -6.76 12.16
CA ARG D 522 -49.50 -5.55 12.94
C ARG D 522 -49.03 -5.91 14.36
N LEU D 523 -47.91 -6.62 14.41
CA LEU D 523 -47.21 -6.87 15.66
C LEU D 523 -46.25 -5.72 15.94
N GLN D 524 -45.99 -5.49 17.23
CA GLN D 524 -45.02 -4.49 17.61
C GLN D 524 -43.58 -4.97 17.41
N ALA D 525 -43.39 -6.25 17.14
CA ALA D 525 -42.06 -6.80 16.92
C ALA D 525 -41.41 -6.20 15.68
N HIS D 526 -40.11 -5.98 15.76
CA HIS D 526 -39.35 -5.53 14.61
C HIS D 526 -37.95 -6.13 14.66
N LEU D 527 -37.32 -6.21 13.51
CA LEU D 527 -35.97 -6.74 13.43
C LEU D 527 -34.98 -5.76 14.06
N LEU D 528 -34.04 -6.31 14.82
CA LEU D 528 -32.92 -5.54 15.37
C LEU D 528 -31.64 -5.81 14.59
N LEU D 529 -31.17 -7.06 14.59
CA LEU D 529 -29.89 -7.41 14.00
C LEU D 529 -30.04 -8.64 13.10
N GLN D 530 -29.07 -8.79 12.21
CA GLN D 530 -28.90 -10.00 11.43
C GLN D 530 -27.46 -10.44 11.57
N VAL D 531 -27.25 -11.71 11.89
CA VAL D 531 -25.90 -12.24 12.08
C VAL D 531 -25.70 -13.41 11.13
N HIS D 532 -25.68 -13.12 9.83
CA HIS D 532 -25.35 -14.06 8.76
C HIS D 532 -26.42 -15.14 8.59
N ASP D 533 -26.72 -15.89 9.66
CA ASP D 533 -27.77 -16.90 9.62
C ASP D 533 -28.70 -16.80 10.84
N GLU D 534 -28.72 -15.64 11.50
CA GLU D 534 -29.54 -15.43 12.69
C GLU D 534 -30.29 -14.11 12.55
N LEU D 535 -31.51 -14.07 13.07
CA LEU D 535 -32.32 -12.86 13.10
C LEU D 535 -32.63 -12.50 14.54
N ILE D 536 -32.42 -11.23 14.88
CA ILE D 536 -32.62 -10.73 16.24
C ILE D 536 -33.80 -9.76 16.22
N LEU D 537 -34.75 -9.99 17.12
CA LEU D 537 -35.94 -9.15 17.22
C LEU D 537 -36.18 -8.79 18.68
N GLU D 538 -36.98 -7.74 18.87
CA GLU D 538 -37.51 -7.39 20.17
C GLU D 538 -39.00 -7.11 20.04
N ALA D 539 -39.74 -7.40 21.10
CA ALA D 539 -41.19 -7.28 21.09
C ALA D 539 -41.69 -7.29 22.52
N PRO D 540 -42.91 -6.81 22.77
CA PRO D 540 -43.50 -6.97 24.11
C PRO D 540 -43.62 -8.45 24.47
N LYS D 541 -43.65 -8.71 25.78
CA LYS D 541 -43.63 -10.09 26.27
C LYS D 541 -44.85 -10.88 25.83
N GLU D 542 -45.93 -10.22 25.39
CA GLU D 542 -47.12 -10.95 24.97
C GLU D 542 -46.92 -11.59 23.61
N GLU D 543 -46.23 -10.90 22.70
CA GLU D 543 -46.04 -11.40 21.34
C GLU D 543 -45.08 -12.57 21.27
N MET D 544 -44.39 -12.91 22.36
CA MET D 544 -43.41 -13.99 22.31
C MET D 544 -44.02 -15.31 21.88
N GLU D 545 -45.31 -15.52 22.16
CA GLU D 545 -45.97 -16.74 21.71
C GLU D 545 -46.37 -16.65 20.24
N ARG D 546 -46.80 -15.48 19.79
CA ARG D 546 -47.29 -15.34 18.43
C ARG D 546 -46.17 -15.46 17.40
N LEU D 547 -44.94 -15.13 17.77
CA LEU D 547 -43.81 -15.22 16.86
C LEU D 547 -42.94 -16.45 17.11
N CYS D 548 -43.21 -17.23 18.17
CA CYS D 548 -42.58 -18.54 18.29
C CYS D 548 -43.00 -19.49 17.18
N ARG D 549 -44.06 -19.18 16.43
CA ARG D 549 -44.40 -19.92 15.23
C ARG D 549 -44.30 -19.10 13.96
N LEU D 550 -44.23 -17.77 14.05
CA LEU D 550 -44.20 -16.93 12.85
C LEU D 550 -42.81 -16.91 12.24
N VAL D 551 -41.84 -16.35 12.96
CA VAL D 551 -40.48 -16.20 12.39
C VAL D 551 -39.83 -17.53 12.07
N PRO D 552 -39.98 -18.60 12.86
CA PRO D 552 -39.39 -19.88 12.43
C PRO D 552 -40.01 -20.42 11.16
N GLU D 553 -41.33 -20.36 11.04
CA GLU D 553 -41.99 -20.89 9.85
C GLU D 553 -41.59 -20.11 8.59
N VAL D 554 -41.63 -18.77 8.69
CA VAL D 554 -41.34 -17.95 7.50
C VAL D 554 -39.88 -18.07 7.10
N MET D 555 -38.98 -18.26 8.07
CA MET D 555 -37.57 -18.46 7.73
C MET D 555 -37.33 -19.81 7.08
N GLU D 556 -38.10 -20.83 7.48
CA GLU D 556 -38.00 -22.13 6.84
C GLU D 556 -38.71 -22.16 5.49
N GLN D 557 -39.72 -21.30 5.30
CA GLN D 557 -40.47 -21.24 4.06
C GLN D 557 -39.98 -20.17 3.10
N ALA D 558 -38.82 -19.56 3.40
CA ALA D 558 -38.26 -18.57 2.48
C ALA D 558 -37.83 -19.22 1.17
N VAL D 559 -37.21 -20.39 1.24
CA VAL D 559 -36.80 -21.14 0.05
C VAL D 559 -37.18 -22.61 0.27
N THR D 560 -37.43 -23.30 -0.84
CA THR D 560 -37.73 -24.72 -0.83
C THR D 560 -36.54 -25.46 -1.43
N LEU D 561 -35.99 -26.41 -0.67
CA LEU D 561 -34.78 -27.11 -1.04
C LEU D 561 -35.01 -28.62 -0.98
N ARG D 562 -34.05 -29.37 -1.51
CA ARG D 562 -34.11 -30.84 -1.45
C ARG D 562 -34.06 -31.36 -0.02
N VAL D 563 -33.75 -30.51 0.96
CA VAL D 563 -33.77 -30.87 2.37
C VAL D 563 -34.70 -29.89 3.08
N PRO D 564 -35.06 -30.12 4.34
CA PRO D 564 -35.80 -29.10 5.09
C PRO D 564 -34.85 -28.11 5.75
N LEU D 565 -35.44 -27.05 6.29
CA LEU D 565 -34.74 -26.04 7.06
C LEU D 565 -35.25 -26.06 8.48
N LYS D 566 -34.33 -26.04 9.45
CA LYS D 566 -34.68 -26.05 10.86
C LYS D 566 -34.23 -24.75 11.50
N VAL D 567 -35.17 -24.04 12.12
CA VAL D 567 -34.88 -22.79 12.82
C VAL D 567 -35.01 -23.06 14.31
N ASP D 568 -33.88 -23.17 14.99
CA ASP D 568 -33.89 -23.12 16.44
C ASP D 568 -34.15 -21.69 16.92
N TYR D 569 -34.66 -21.55 18.13
CA TYR D 569 -35.03 -20.22 18.59
C TYR D 569 -35.25 -20.22 20.09
N HIS D 570 -34.84 -19.12 20.73
CA HIS D 570 -35.01 -18.92 22.17
C HIS D 570 -35.32 -17.45 22.40
N TYR D 571 -35.87 -17.14 23.58
CA TYR D 571 -36.15 -15.75 23.89
C TYR D 571 -35.99 -15.52 25.38
N GLY D 572 -35.55 -14.32 25.73
CA GLY D 572 -35.33 -13.95 27.10
C GLY D 572 -35.30 -12.45 27.28
N SER D 573 -34.82 -12.02 28.44
CA SER D 573 -34.79 -10.60 28.78
C SER D 573 -33.53 -9.90 28.30
N THR D 574 -32.51 -10.63 27.87
CA THR D 574 -31.33 -10.06 27.23
C THR D 574 -30.98 -10.92 26.02
N TRP D 575 -30.09 -10.39 25.17
CA TRP D 575 -29.53 -11.19 24.10
C TRP D 575 -28.82 -12.42 24.65
N TYR D 576 -28.13 -12.24 25.78
CA TYR D 576 -27.53 -13.37 26.48
C TYR D 576 -28.59 -14.38 26.89
N ASP D 577 -29.70 -13.91 27.47
CA ASP D 577 -30.75 -14.80 27.94
C ASP D 577 -31.50 -15.47 26.81
N ALA D 578 -31.34 -14.98 25.57
CA ALA D 578 -31.97 -15.62 24.41
C ALA D 578 -31.25 -16.89 23.97
N LYS D 579 -30.81 -17.70 24.93
CA LYS D 579 -30.08 -18.93 24.66
C LYS D 579 -30.98 -20.15 24.68
#